data_3A0K
#
_entry.id   3A0K
#
_cell.length_a   68.034
_cell.length_b   103.074
_cell.length_c   122.334
_cell.angle_alpha   90.000
_cell.angle_beta   90.000
_cell.angle_gamma   90.000
#
_symmetry.space_group_name_H-M   'P 21 21 21'
#
loop_
_entity.id
_entity.type
_entity.pdbx_description
1 polymer 'Cymbosema roseum mannose-specific lectin'
2 non-polymer 'MANGANESE (II) ION'
3 non-polymer 'CALCIUM ION'
4 non-polymer 'ALPHA-AMINOBUTYRIC ACID'
5 water water
#
_entity_poly.entity_id   1
_entity_poly.type   'polypeptide(L)'
_entity_poly.pdbx_seq_one_letter_code
;ADTIVAVELDSYPNTDIGDPSYPHIGIDIKSIRSKSTARWNMQTGKVGTAHISYNSVAKRLTAVVSYSGSSSTTVSYDVD
LTNVLPEWVRVGLSATTGLYKETNTILSWSFTSKLKTNSIADANALHFSFNQFTQNPKDLILQGDATTDSDGNLELTKVS
SSGSPQGSSVGRALFYAPVHIWESSAVVASFDATFTFLIKSPDSEPADGITFFIANTDTSIPSGSSGRLLGLFPDAN
;
_entity_poly.pdbx_strand_id   A,C,E,G
#
loop_
_chem_comp.id
_chem_comp.type
_chem_comp.name
_chem_comp.formula
CA non-polymer 'CALCIUM ION' 'Ca 2'
MN non-polymer 'MANGANESE (II) ION' 'Mn 2'
#
# COMPACT_ATOMS: atom_id res chain seq x y z
N ALA A 1 -1.27 -3.77 35.09
CA ALA A 1 -1.77 -4.82 34.15
C ALA A 1 -1.68 -4.24 32.73
N ASP A 2 -1.69 -5.10 31.72
CA ASP A 2 -1.76 -4.65 30.36
C ASP A 2 -3.07 -3.95 30.12
N THR A 3 -3.09 -3.19 29.03
CA THR A 3 -4.29 -2.61 28.52
C THR A 3 -4.54 -3.30 27.26
N ILE A 4 -5.70 -3.91 27.15
CA ILE A 4 -5.97 -4.74 26.00
C ILE A 4 -7.25 -4.37 25.32
N VAL A 5 -7.17 -4.31 24.01
CA VAL A 5 -8.34 -4.27 23.19
C VAL A 5 -8.14 -5.46 22.25
N ALA A 6 -9.19 -6.22 22.07
CA ALA A 6 -9.03 -7.39 21.27
C ALA A 6 -10.31 -7.67 20.52
N VAL A 7 -10.15 -8.37 19.42
CA VAL A 7 -11.26 -9.00 18.77
C VAL A 7 -11.04 -10.51 19.03
N GLU A 8 -11.95 -11.10 19.77
CA GLU A 8 -11.82 -12.48 20.06
C GLU A 8 -12.67 -13.29 19.14
N LEU A 9 -12.07 -14.39 18.76
CA LEU A 9 -12.81 -15.41 18.06
C LEU A 9 -12.88 -16.49 19.15
N ASP A 10 -14.00 -16.49 19.84
CA ASP A 10 -14.12 -17.27 21.07
C ASP A 10 -14.92 -18.51 20.74
N SER A 11 -14.20 -19.63 20.68
CA SER A 11 -14.86 -20.83 20.19
C SER A 11 -15.72 -21.42 21.29
N TYR A 12 -15.43 -21.09 22.53
CA TYR A 12 -16.03 -21.85 23.59
C TYR A 12 -16.80 -21.00 24.53
N PRO A 13 -18.07 -21.34 24.72
CA PRO A 13 -18.85 -20.41 25.53
C PRO A 13 -18.62 -20.64 27.00
N ASN A 14 -17.94 -19.71 27.66
CA ASN A 14 -17.84 -19.75 29.10
C ASN A 14 -18.89 -18.85 29.64
N THR A 15 -20.12 -19.40 29.78
CA THR A 15 -21.26 -18.56 30.01
C THR A 15 -21.11 -18.11 31.43
N ASP A 16 -20.32 -18.88 32.13
CA ASP A 16 -19.65 -18.56 33.33
C ASP A 16 -19.20 -17.12 33.57
N ILE A 17 -18.48 -16.63 32.58
CA ILE A 17 -17.89 -15.36 32.69
C ILE A 17 -18.50 -14.52 31.58
N GLY A 18 -19.76 -14.78 31.33
CA GLY A 18 -20.52 -13.85 30.50
C GLY A 18 -20.38 -14.04 29.01
N ASP A 19 -19.73 -15.10 28.56
CA ASP A 19 -19.85 -15.43 27.13
C ASP A 19 -21.27 -15.71 26.82
N PRO A 20 -21.72 -15.38 25.60
CA PRO A 20 -22.99 -15.94 25.14
C PRO A 20 -22.86 -17.45 24.95
N SER A 21 -23.96 -18.17 24.87
CA SER A 21 -23.82 -19.60 24.95
C SER A 21 -23.59 -20.23 23.60
N TYR A 22 -22.81 -19.58 22.74
CA TYR A 22 -22.43 -20.20 21.48
C TYR A 22 -21.08 -19.61 21.17
N PRO A 23 -20.33 -20.23 20.26
CA PRO A 23 -19.08 -19.67 19.78
C PRO A 23 -19.45 -18.27 19.27
N HIS A 24 -18.54 -17.32 19.40
CA HIS A 24 -18.93 -15.96 19.09
C HIS A 24 -17.66 -15.19 18.83
N ILE A 25 -17.79 -14.11 18.08
CA ILE A 25 -16.73 -13.18 18.00
C ILE A 25 -17.04 -11.99 18.89
N GLY A 26 -16.03 -11.39 19.38
CA GLY A 26 -16.31 -10.42 20.40
C GLY A 26 -15.30 -9.31 20.23
N ILE A 27 -15.71 -8.12 20.67
CA ILE A 27 -14.80 -7.02 20.88
C ILE A 27 -14.60 -6.84 22.35
N ASP A 28 -13.35 -7.00 22.75
CA ASP A 28 -13.00 -6.94 24.18
C ASP A 28 -12.22 -5.64 24.41
N ILE A 29 -12.65 -4.89 25.40
CA ILE A 29 -11.95 -3.69 25.70
C ILE A 29 -11.66 -3.76 27.18
N LYS A 30 -10.44 -4.14 27.51
CA LYS A 30 -9.95 -4.18 28.88
C LYS A 30 -10.69 -5.17 29.69
N SER A 31 -11.36 -6.10 29.04
CA SER A 31 -11.98 -7.19 29.73
C SER A 31 -12.25 -8.32 28.78
N ILE A 32 -12.16 -9.55 29.32
CA ILE A 32 -12.54 -10.73 28.56
C ILE A 32 -14.03 -10.75 28.29
N ARG A 33 -14.77 -9.95 29.03
CA ARG A 33 -16.21 -9.94 28.86
C ARG A 33 -16.48 -8.92 27.78
N SER A 34 -16.72 -9.47 26.59
CA SER A 34 -16.77 -8.67 25.39
C SER A 34 -17.77 -7.57 25.52
N LYS A 35 -17.46 -6.44 24.93
CA LYS A 35 -18.38 -5.33 24.93
C LYS A 35 -19.38 -5.56 23.89
N SER A 36 -19.06 -6.44 22.93
CA SER A 36 -20.02 -6.69 21.87
C SER A 36 -19.68 -8.07 21.37
N THR A 37 -20.66 -8.86 20.99
CA THR A 37 -20.37 -10.17 20.51
C THR A 37 -21.33 -10.44 19.41
N ALA A 38 -21.00 -11.43 18.62
CA ALA A 38 -21.94 -11.79 17.63
C ALA A 38 -21.71 -13.30 17.52
N ARG A 39 -22.79 -14.04 17.38
CA ARG A 39 -22.76 -15.48 17.19
C ARG A 39 -21.87 -15.82 16.04
N TRP A 40 -20.94 -16.72 16.28
CA TRP A 40 -20.01 -17.11 15.27
C TRP A 40 -20.33 -18.55 14.86
N ASN A 41 -20.66 -18.73 13.61
CA ASN A 41 -20.97 -20.08 13.16
C ASN A 41 -19.61 -20.67 12.76
N MET A 42 -18.97 -21.35 13.68
CA MET A 42 -17.62 -21.76 13.42
C MET A 42 -17.62 -22.81 12.36
N GLN A 43 -16.52 -22.93 11.65
CA GLN A 43 -16.36 -24.02 10.75
C GLN A 43 -15.07 -24.71 11.00
N THR A 44 -15.08 -25.51 12.03
CA THR A 44 -13.90 -26.14 12.42
C THR A 44 -13.30 -26.87 11.22
N GLY A 45 -11.98 -26.78 11.06
CA GLY A 45 -11.32 -27.53 9.99
C GLY A 45 -11.31 -26.73 8.71
N LYS A 46 -11.93 -25.56 8.71
CA LYS A 46 -11.86 -24.76 7.49
C LYS A 46 -11.10 -23.50 7.77
N VAL A 47 -10.42 -22.99 6.75
CA VAL A 47 -9.70 -21.71 6.93
C VAL A 47 -10.64 -20.55 7.04
N GLY A 48 -10.47 -19.80 8.09
CA GLY A 48 -11.30 -18.61 8.32
C GLY A 48 -10.45 -17.39 8.06
N THR A 49 -11.14 -16.32 7.69
CA THR A 49 -10.56 -15.03 7.64
C THR A 49 -11.22 -14.12 8.59
N ALA A 50 -10.40 -13.32 9.28
CA ALA A 50 -10.95 -12.27 10.15
C ALA A 50 -10.41 -10.96 9.64
N HIS A 51 -11.22 -9.93 9.70
CA HIS A 51 -10.71 -8.65 9.28
C HIS A 51 -11.17 -7.71 10.37
N ILE A 52 -10.31 -6.80 10.82
CA ILE A 52 -10.65 -6.03 11.98
C ILE A 52 -10.30 -4.59 11.53
N SER A 53 -11.15 -3.60 11.83
CA SER A 53 -10.91 -2.27 11.33
C SER A 53 -11.24 -1.33 12.39
N TYR A 54 -10.55 -0.23 12.36
CA TYR A 54 -10.95 0.85 13.25
C TYR A 54 -10.49 2.10 12.64
N ASN A 55 -11.26 3.15 12.84
CA ASN A 55 -10.64 4.46 12.71
C ASN A 55 -11.17 5.45 13.68
N SER A 56 -10.32 6.41 14.03
CA SER A 56 -10.55 7.15 15.23
C SER A 56 -11.60 8.17 14.96
N VAL A 57 -11.92 8.40 13.72
CA VAL A 57 -13.01 9.34 13.45
C VAL A 57 -14.30 8.62 13.64
N ALA A 58 -14.41 7.48 13.02
CA ALA A 58 -15.62 6.66 13.13
C ALA A 58 -15.77 6.12 14.53
N LYS A 59 -14.65 5.78 15.16
CA LYS A 59 -14.63 5.29 16.52
C LYS A 59 -15.42 4.06 16.59
N ARG A 60 -15.22 3.21 15.62
CA ARG A 60 -15.98 1.99 15.65
C ARG A 60 -15.06 0.88 15.33
N LEU A 61 -14.81 0.05 16.29
CA LEU A 61 -13.94 -1.09 16.05
C LEU A 61 -14.86 -2.23 15.54
N THR A 62 -14.47 -2.85 14.43
CA THR A 62 -15.32 -3.87 13.89
C THR A 62 -14.54 -5.02 13.44
N ALA A 63 -15.20 -6.14 13.36
CA ALA A 63 -14.49 -7.32 12.91
C ALA A 63 -15.46 -8.12 12.12
N VAL A 64 -14.93 -8.85 11.19
CA VAL A 64 -15.79 -9.74 10.49
C VAL A 64 -15.00 -11.01 10.36
N VAL A 65 -15.70 -12.12 10.48
CA VAL A 65 -15.07 -13.39 10.30
C VAL A 65 -15.82 -14.17 9.25
N SER A 66 -15.09 -14.84 8.38
CA SER A 66 -15.75 -15.49 7.29
C SER A 66 -15.00 -16.71 6.90
N TYR A 67 -15.70 -17.58 6.20
CA TYR A 67 -14.99 -18.71 5.61
C TYR A 67 -15.41 -18.67 4.15
N SER A 68 -14.65 -19.31 3.31
CA SER A 68 -15.09 -19.50 1.95
C SER A 68 -16.49 -20.05 1.83
N GLY A 69 -17.34 -19.38 1.04
CA GLY A 69 -18.67 -19.93 0.79
C GLY A 69 -19.61 -19.72 1.97
N SER A 70 -19.15 -18.98 2.99
CA SER A 70 -19.92 -18.91 4.23
C SER A 70 -20.42 -17.51 4.36
N SER A 71 -21.56 -17.37 4.99
CA SER A 71 -21.98 -16.09 5.54
C SER A 71 -21.08 -15.58 6.61
N SER A 72 -20.84 -14.29 6.64
CA SER A 72 -19.83 -13.82 7.58
C SER A 72 -20.51 -13.52 8.90
N THR A 73 -19.72 -13.28 9.92
CA THR A 73 -20.19 -12.82 11.17
C THR A 73 -19.48 -11.53 11.45
N THR A 74 -20.22 -10.50 11.84
CA THR A 74 -19.57 -9.28 12.10
C THR A 74 -19.90 -8.85 13.49
N VAL A 75 -19.01 -8.07 14.04
CA VAL A 75 -19.30 -7.44 15.31
C VAL A 75 -18.65 -6.10 15.27
N SER A 76 -19.29 -5.10 15.90
CA SER A 76 -18.71 -3.77 15.91
C SER A 76 -18.93 -3.23 17.28
N TYR A 77 -18.15 -2.24 17.64
CA TYR A 77 -18.31 -1.66 18.96
C TYR A 77 -17.81 -0.26 18.86
N ASP A 78 -18.66 0.65 19.27
CA ASP A 78 -18.28 2.03 19.34
C ASP A 78 -17.31 2.26 20.46
N VAL A 79 -16.14 2.71 20.09
CA VAL A 79 -15.12 2.88 21.10
C VAL A 79 -14.10 3.80 20.56
N ASP A 80 -13.67 4.69 21.41
CA ASP A 80 -12.62 5.57 21.00
C ASP A 80 -11.37 4.99 21.60
N LEU A 81 -10.60 4.31 20.76
CA LEU A 81 -9.37 3.68 21.26
C LEU A 81 -8.37 4.64 21.83
N THR A 82 -8.42 5.91 21.41
CA THR A 82 -7.43 6.80 22.00
C THR A 82 -7.75 7.05 23.46
N ASN A 83 -8.96 6.73 23.91
CA ASN A 83 -9.26 6.82 25.32
C ASN A 83 -8.94 5.56 26.04
N VAL A 84 -8.50 4.53 25.31
CA VAL A 84 -8.44 3.22 25.92
C VAL A 84 -7.01 2.72 25.92
N LEU A 85 -6.35 2.82 24.77
CA LEU A 85 -5.05 2.28 24.58
C LEU A 85 -4.05 3.39 24.79
N PRO A 86 -2.85 3.04 25.16
CA PRO A 86 -1.79 4.00 25.15
C PRO A 86 -1.50 4.39 23.69
N GLU A 87 -0.77 5.49 23.50
CA GLU A 87 -0.53 5.93 22.15
C GLU A 87 0.39 4.99 21.37
N TRP A 88 1.26 4.26 22.07
CA TRP A 88 2.06 3.28 21.39
C TRP A 88 1.53 1.98 21.87
N VAL A 89 1.44 1.01 20.97
CA VAL A 89 0.96 -0.26 21.35
C VAL A 89 1.79 -1.29 20.59
N ARG A 90 1.60 -2.52 20.97
CA ARG A 90 1.91 -3.65 20.10
C ARG A 90 0.61 -4.34 19.69
N VAL A 91 0.64 -4.88 18.49
CA VAL A 91 -0.47 -5.62 18.04
C VAL A 91 -0.06 -7.08 18.01
N GLY A 92 -1.02 -7.96 18.20
CA GLY A 92 -0.63 -9.36 18.24
C GLY A 92 -1.84 -10.21 18.03
N LEU A 93 -1.57 -11.49 18.09
CA LEU A 93 -2.57 -12.52 17.95
C LEU A 93 -2.36 -13.30 19.19
N SER A 94 -3.44 -13.83 19.73
CA SER A 94 -3.25 -14.66 20.89
C SER A 94 -4.15 -15.85 20.67
N ALA A 95 -3.91 -16.97 21.38
CA ALA A 95 -4.90 -18.01 21.37
C ALA A 95 -4.65 -18.84 22.56
N THR A 96 -5.66 -19.64 22.88
CA THR A 96 -5.55 -20.55 23.93
C THR A 96 -6.32 -21.80 23.59
N THR A 97 -5.94 -22.85 24.28
CA THR A 97 -6.81 -24.02 24.44
C THR A 97 -6.98 -24.21 25.93
N GLY A 98 -7.85 -25.14 26.35
CA GLY A 98 -8.11 -25.15 27.76
C GLY A 98 -8.32 -26.59 28.07
N LEU A 99 -9.48 -26.82 28.59
CA LEU A 99 -9.92 -28.19 28.77
C LEU A 99 -10.28 -28.80 27.42
N TYR A 100 -10.90 -28.04 26.55
CA TYR A 100 -11.05 -28.51 25.18
C TYR A 100 -10.00 -27.77 24.38
N LYS A 101 -9.79 -28.23 23.17
CA LYS A 101 -8.64 -27.70 22.48
C LYS A 101 -8.98 -27.53 21.02
N GLU A 102 -8.05 -26.89 20.33
CA GLU A 102 -8.21 -26.63 18.92
C GLU A 102 -6.87 -26.13 18.54
N THR A 103 -6.62 -26.16 17.25
CA THR A 103 -5.43 -25.52 16.75
C THR A 103 -5.78 -24.08 16.66
N ASN A 104 -4.76 -23.26 16.76
CA ASN A 104 -5.01 -21.83 16.61
C ASN A 104 -3.98 -21.43 15.59
N THR A 105 -4.13 -21.95 14.38
CA THR A 105 -3.08 -21.80 13.38
C THR A 105 -3.36 -20.51 12.57
N ILE A 106 -2.37 -19.65 12.49
CA ILE A 106 -2.56 -18.43 11.75
C ILE A 106 -1.79 -18.68 10.50
N LEU A 107 -2.46 -18.58 9.38
CA LEU A 107 -1.85 -18.80 8.10
C LEU A 107 -1.33 -17.55 7.52
N SER A 108 -1.96 -16.43 7.91
CA SER A 108 -1.55 -15.16 7.31
C SER A 108 -1.99 -14.10 8.26
N TRP A 109 -1.35 -12.91 8.18
CA TRP A 109 -1.76 -11.89 9.11
C TRP A 109 -1.18 -10.61 8.50
N SER A 110 -2.01 -9.58 8.40
CA SER A 110 -1.50 -8.29 7.92
C SER A 110 -2.12 -7.27 8.85
N PHE A 111 -1.54 -6.12 8.81
CA PHE A 111 -1.95 -5.09 9.72
C PHE A 111 -1.48 -3.86 9.07
N THR A 112 -2.31 -2.82 9.16
CA THR A 112 -1.86 -1.52 8.68
C THR A 112 -2.37 -0.55 9.68
N SER A 113 -1.53 0.39 10.10
CA SER A 113 -2.03 1.44 10.99
C SER A 113 -1.64 2.74 10.28
N LYS A 114 -2.45 3.77 10.39
CA LYS A 114 -2.01 5.03 9.88
C LYS A 114 -2.27 6.04 10.96
N LEU A 115 -1.44 7.04 11.02
CA LEU A 115 -1.82 8.16 11.85
C LEU A 115 -1.69 9.31 10.93
N LYS A 116 -2.81 9.94 10.55
CA LYS A 116 -2.85 10.83 9.38
C LYS A 116 -2.92 12.22 9.82
N THR A 117 -2.73 13.13 8.85
CA THR A 117 -2.37 14.50 9.15
C THR A 117 -2.72 15.42 7.99
N ALA A 123 1.58 11.31 8.46
CA ALA A 123 0.77 10.26 7.91
C ALA A 123 1.44 8.94 8.29
N ASN A 124 1.94 8.85 9.54
CA ASN A 124 2.83 7.74 9.89
C ASN A 124 2.06 6.55 9.44
N ALA A 125 2.75 5.53 8.97
CA ALA A 125 2.05 4.34 8.66
C ALA A 125 2.92 3.21 9.06
N LEU A 126 2.26 2.12 9.39
CA LEU A 126 2.99 0.89 9.65
C LEU A 126 2.13 -0.19 8.99
N HIS A 127 2.75 -1.05 8.20
CA HIS A 127 2.02 -2.10 7.57
C HIS A 127 2.94 -3.31 7.62
N PHE A 128 2.36 -4.43 7.96
CA PHE A 128 3.09 -5.64 7.73
C PHE A 128 2.10 -6.64 7.19
N SER A 129 2.64 -7.65 6.55
CA SER A 129 1.79 -8.69 6.06
C SER A 129 2.65 -9.94 6.01
N PHE A 130 2.09 -11.02 6.52
CA PHE A 130 2.72 -12.32 6.37
C PHE A 130 1.72 -13.21 5.73
N ASN A 131 2.13 -13.86 4.64
CA ASN A 131 1.28 -14.91 4.17
C ASN A 131 1.98 -16.18 4.54
N GLN A 132 3.08 -16.06 5.22
CA GLN A 132 3.66 -17.22 5.76
C GLN A 132 4.68 -16.73 6.77
N PHE A 133 5.02 -17.56 7.74
CA PHE A 133 5.87 -17.13 8.82
C PHE A 133 7.14 -17.92 8.77
N THR A 134 8.25 -17.24 8.89
CA THR A 134 9.47 -17.95 8.89
C THR A 134 9.65 -18.75 10.17
N GLN A 135 10.62 -19.64 10.09
CA GLN A 135 10.93 -20.56 11.17
C GLN A 135 11.45 -19.74 12.27
N ASN A 136 12.11 -18.65 11.91
CA ASN A 136 12.62 -17.81 12.92
C ASN A 136 12.08 -16.40 12.70
N PRO A 137 10.88 -16.15 13.23
CA PRO A 137 10.31 -14.89 12.77
C PRO A 137 10.83 -13.82 13.67
N LYS A 138 11.90 -13.16 13.26
CA LYS A 138 12.53 -12.15 14.09
C LYS A 138 11.71 -10.92 14.26
N ASP A 139 10.67 -10.76 13.45
CA ASP A 139 9.83 -9.59 13.65
C ASP A 139 8.60 -9.95 14.43
N LEU A 140 8.57 -11.15 15.01
CA LEU A 140 7.52 -11.44 15.94
C LEU A 140 8.08 -11.63 17.30
N ILE A 141 7.32 -11.22 18.30
CA ILE A 141 7.59 -11.60 19.64
C ILE A 141 6.64 -12.73 19.90
N LEU A 142 7.20 -13.92 19.98
CA LEU A 142 6.42 -15.06 20.30
C LEU A 142 6.37 -15.24 21.78
N GLN A 143 5.18 -15.33 22.29
CA GLN A 143 4.99 -15.48 23.68
C GLN A 143 4.32 -16.76 23.96
N GLY A 144 4.63 -17.34 25.11
CA GLY A 144 3.93 -18.56 25.48
C GLY A 144 4.30 -19.65 24.52
N ASP A 145 3.29 -20.41 24.14
CA ASP A 145 3.48 -21.61 23.31
C ASP A 145 3.62 -21.32 21.80
N ALA A 146 3.53 -20.06 21.41
CA ALA A 146 3.38 -19.77 20.00
C ALA A 146 4.63 -20.13 19.30
N THR A 147 4.48 -20.78 18.16
CA THR A 147 5.67 -21.09 17.37
C THR A 147 5.26 -20.99 15.97
N THR A 148 6.24 -21.05 15.07
CA THR A 148 5.87 -21.21 13.67
C THR A 148 6.32 -22.59 13.29
N ASP A 149 5.66 -23.14 12.30
CA ASP A 149 5.86 -24.56 12.04
C ASP A 149 6.51 -24.69 10.71
N SER A 150 6.71 -25.92 10.29
CA SER A 150 7.50 -26.06 9.08
C SER A 150 6.71 -25.57 7.83
N ASP A 151 5.40 -25.42 7.96
CA ASP A 151 4.63 -24.91 6.85
C ASP A 151 4.67 -23.41 6.78
N GLY A 152 5.30 -22.80 7.77
CA GLY A 152 5.33 -21.34 7.77
C GLY A 152 4.03 -20.81 8.36
N ASN A 153 3.37 -21.66 9.12
CA ASN A 153 2.17 -21.21 9.83
C ASN A 153 2.51 -20.91 11.23
N LEU A 154 1.70 -20.03 11.83
CA LEU A 154 2.04 -19.63 13.13
C LEU A 154 1.05 -20.39 13.96
N GLU A 155 1.56 -21.23 14.85
CA GLU A 155 0.73 -22.08 15.67
C GLU A 155 0.69 -21.38 16.98
N LEU A 156 -0.42 -20.70 17.27
CA LEU A 156 -0.40 -19.86 18.48
C LEU A 156 -0.40 -20.72 19.71
N THR A 157 -1.07 -21.84 19.60
CA THR A 157 -1.08 -22.83 20.67
C THR A 157 -0.45 -24.12 20.20
N LYS A 158 -0.06 -24.90 21.18
CA LYS A 158 0.74 -26.11 20.98
C LYS A 158 -0.05 -27.12 20.16
N VAL A 159 0.59 -27.64 19.14
CA VAL A 159 0.01 -28.76 18.44
C VAL A 159 1.17 -29.78 18.47
N SER A 160 0.82 -31.04 18.57
CA SER A 160 1.80 -32.13 18.54
C SER A 160 2.48 -32.20 17.16
N SER A 161 3.49 -33.07 17.05
CA SER A 161 4.19 -33.24 15.80
C SER A 161 3.21 -33.66 14.68
N SER A 162 2.12 -34.32 15.04
CA SER A 162 1.05 -34.61 14.06
C SER A 162 -0.09 -33.55 13.95
N GLY A 163 0.21 -32.30 14.28
CA GLY A 163 -0.77 -31.20 14.10
C GLY A 163 -1.95 -31.32 15.07
N SER A 164 -1.88 -32.26 15.99
CA SER A 164 -2.91 -32.38 16.98
C SER A 164 -2.81 -31.30 18.10
N PRO A 165 -3.92 -30.56 18.35
CA PRO A 165 -3.80 -29.48 19.32
C PRO A 165 -3.86 -29.95 20.71
N GLN A 166 -3.07 -29.32 21.53
CA GLN A 166 -2.96 -29.73 22.90
C GLN A 166 -3.81 -28.82 23.70
N GLY A 167 -4.32 -29.30 24.83
CA GLY A 167 -5.02 -28.43 25.81
C GLY A 167 -4.12 -27.54 26.65
N SER A 168 -4.72 -26.67 27.45
CA SER A 168 -3.99 -25.85 28.37
C SER A 168 -2.84 -25.09 27.73
N SER A 169 -3.06 -24.60 26.51
CA SER A 169 -2.02 -23.93 25.82
C SER A 169 -2.39 -22.49 25.65
N VAL A 170 -1.39 -21.63 25.61
CA VAL A 170 -1.64 -20.20 25.39
C VAL A 170 -0.45 -19.76 24.59
N GLY A 171 -0.69 -18.88 23.63
CA GLY A 171 0.47 -18.35 22.96
C GLY A 171 0.02 -17.12 22.23
N ARG A 172 0.98 -16.27 21.93
CA ARG A 172 0.70 -15.02 21.29
C ARG A 172 1.86 -14.71 20.38
N ALA A 173 1.63 -13.82 19.49
CA ALA A 173 2.69 -13.36 18.63
C ALA A 173 2.35 -11.92 18.52
N LEU A 174 3.31 -11.08 18.87
CA LEU A 174 3.12 -9.68 18.71
C LEU A 174 3.97 -9.24 17.55
N PHE A 175 3.55 -8.24 16.83
CA PHE A 175 4.50 -7.72 15.87
C PHE A 175 5.59 -6.97 16.55
N TYR A 176 6.80 -7.06 16.06
CA TYR A 176 7.97 -6.54 16.84
C TYR A 176 7.94 -5.04 17.06
N ALA A 177 7.52 -4.30 16.05
CA ALA A 177 7.56 -2.85 16.14
C ALA A 177 6.36 -2.34 16.87
N PRO A 178 6.59 -1.47 17.86
CA PRO A 178 5.54 -0.68 18.45
C PRO A 178 4.82 0.03 17.34
N VAL A 179 3.54 0.26 17.57
CA VAL A 179 2.68 0.92 16.59
C VAL A 179 2.20 2.14 17.26
N HIS A 180 2.27 3.23 16.54
CA HIS A 180 1.87 4.47 17.12
C HIS A 180 0.42 4.66 16.76
N ILE A 181 -0.49 4.40 17.68
CA ILE A 181 -1.92 4.40 17.24
C ILE A 181 -2.70 5.63 17.54
N TRP A 182 -2.11 6.50 18.31
CA TRP A 182 -2.70 7.79 18.51
C TRP A 182 -1.57 8.68 18.80
N GLU A 183 -1.79 9.97 18.64
CA GLU A 183 -0.87 10.95 19.09
C GLU A 183 -1.63 12.23 19.37
N SER A 184 -1.19 13.02 20.34
CA SER A 184 -2.02 14.18 20.72
C SER A 184 -2.47 15.07 19.51
N SER A 185 -1.92 14.87 18.31
CA SER A 185 -2.26 15.79 17.19
C SER A 185 -2.54 15.13 15.84
N ALA A 186 -2.57 13.78 15.79
CA ALA A 186 -2.96 13.19 14.53
C ALA A 186 -4.43 13.58 14.29
N VAL A 187 -4.78 13.65 13.05
CA VAL A 187 -6.13 14.09 12.76
C VAL A 187 -6.96 12.81 12.80
N VAL A 188 -6.33 11.70 12.42
CA VAL A 188 -7.08 10.44 12.38
C VAL A 188 -6.09 9.36 12.50
N ALA A 189 -6.49 8.33 13.20
CA ALA A 189 -5.64 7.18 13.29
C ALA A 189 -6.53 6.04 12.89
N SER A 190 -5.97 5.08 12.21
CA SER A 190 -6.84 4.03 11.79
C SER A 190 -5.97 2.76 11.77
N PHE A 191 -6.59 1.62 11.93
CA PHE A 191 -5.83 0.42 11.58
C PHE A 191 -6.74 -0.62 11.02
N ASP A 192 -6.16 -1.54 10.28
CA ASP A 192 -6.96 -2.60 9.78
C ASP A 192 -6.05 -3.82 9.98
N ALA A 193 -6.67 -4.94 10.28
CA ALA A 193 -5.85 -6.13 10.41
C ALA A 193 -6.64 -7.21 9.73
N THR A 194 -5.94 -8.20 9.20
CA THR A 194 -6.64 -9.35 8.65
C THR A 194 -5.80 -10.48 9.03
N PHE A 195 -6.44 -11.57 9.38
CA PHE A 195 -5.62 -12.79 9.46
C PHE A 195 -6.46 -13.99 9.00
N THR A 196 -5.79 -15.07 8.65
CA THR A 196 -6.53 -16.24 8.26
C THR A 196 -6.05 -17.27 9.27
N PHE A 197 -6.95 -18.16 9.60
CA PHE A 197 -6.68 -19.03 10.72
C PHE A 197 -7.39 -20.35 10.38
N LEU A 198 -6.90 -21.39 11.01
CA LEU A 198 -7.39 -22.68 10.75
C LEU A 198 -7.50 -23.22 12.15
N ILE A 199 -8.73 -23.47 12.55
CA ILE A 199 -8.97 -24.00 13.89
C ILE A 199 -9.49 -25.39 13.55
N LYS A 200 -8.77 -26.39 14.04
CA LYS A 200 -9.21 -27.76 13.86
C LYS A 200 -9.26 -28.27 15.28
N SER A 201 -10.09 -29.26 15.52
CA SER A 201 -10.17 -29.75 16.85
C SER A 201 -10.67 -31.18 16.81
N PRO A 202 -10.13 -32.02 17.71
CA PRO A 202 -10.66 -33.38 17.91
C PRO A 202 -11.87 -33.31 18.83
N ASP A 203 -12.12 -32.15 19.43
CA ASP A 203 -13.14 -32.03 20.46
C ASP A 203 -14.46 -31.67 19.87
N SER A 204 -15.55 -32.14 20.50
CA SER A 204 -16.91 -31.84 20.03
C SER A 204 -17.12 -30.33 20.09
N GLU A 205 -16.65 -29.70 21.16
CA GLU A 205 -16.74 -28.26 21.29
C GLU A 205 -15.29 -27.83 21.56
N PRO A 206 -14.69 -27.28 20.54
CA PRO A 206 -13.33 -26.86 20.66
C PRO A 206 -13.24 -25.68 21.61
N ALA A 207 -12.04 -25.43 22.09
CA ALA A 207 -11.80 -24.29 22.92
C ALA A 207 -10.33 -23.96 22.74
N ASP A 208 -9.93 -22.73 23.10
CA ASP A 208 -10.79 -21.75 23.69
C ASP A 208 -11.03 -20.55 22.79
N GLY A 209 -10.02 -20.15 22.04
CA GLY A 209 -10.29 -19.06 21.12
C GLY A 209 -9.01 -18.48 20.67
N ILE A 210 -9.14 -17.49 19.81
CA ILE A 210 -7.94 -16.78 19.34
C ILE A 210 -8.36 -15.36 19.16
N THR A 211 -7.41 -14.43 19.21
CA THR A 211 -7.79 -13.09 19.10
C THR A 211 -6.75 -12.33 18.30
N PHE A 212 -7.14 -11.17 17.83
CA PHE A 212 -6.18 -10.18 17.42
C PHE A 212 -6.35 -9.13 18.51
N PHE A 213 -5.24 -8.60 18.97
CA PHE A 213 -5.32 -7.69 20.10
C PHE A 213 -4.31 -6.59 19.99
N ILE A 214 -4.55 -5.52 20.69
CA ILE A 214 -3.68 -4.42 20.65
C ILE A 214 -3.51 -4.10 22.11
N ALA A 215 -2.30 -3.78 22.46
CA ALA A 215 -1.95 -3.74 23.85
C ALA A 215 -0.83 -2.77 24.07
N ASN A 216 -0.63 -2.39 25.32
CA ASN A 216 0.59 -1.68 25.67
C ASN A 216 1.75 -2.44 25.09
N THR A 217 2.78 -1.73 24.65
CA THR A 217 3.87 -2.36 23.94
C THR A 217 4.56 -3.48 24.77
N ASP A 218 4.59 -3.34 26.09
CA ASP A 218 5.28 -4.30 26.86
C ASP A 218 4.32 -5.40 27.26
N THR A 219 3.25 -5.56 26.50
CA THR A 219 2.30 -6.58 26.90
C THR A 219 2.92 -7.96 27.01
N SER A 220 2.37 -8.75 27.92
CA SER A 220 2.84 -10.14 28.01
C SER A 220 1.71 -11.01 28.46
N ILE A 221 1.88 -12.32 28.32
CA ILE A 221 0.74 -13.17 28.65
C ILE A 221 0.54 -13.05 30.16
N PRO A 222 -0.60 -12.58 30.60
CA PRO A 222 -0.79 -12.56 32.05
C PRO A 222 -0.78 -13.95 32.60
N SER A 223 -0.17 -14.09 33.77
CA SER A 223 -0.37 -15.28 34.46
C SER A 223 -1.88 -15.51 34.64
N GLY A 224 -2.32 -16.74 34.46
CA GLY A 224 -3.75 -17.01 34.71
C GLY A 224 -4.60 -16.76 33.52
N SER A 225 -4.01 -16.21 32.46
CA SER A 225 -4.79 -15.90 31.25
C SER A 225 -5.01 -17.10 30.33
N SER A 226 -4.84 -18.32 30.82
CA SER A 226 -5.08 -19.43 29.91
C SER A 226 -6.54 -19.70 29.60
N GLY A 227 -6.76 -20.63 28.71
CA GLY A 227 -8.09 -21.05 28.32
C GLY A 227 -8.99 -19.88 27.99
N ARG A 228 -10.04 -19.71 28.75
CA ARG A 228 -11.11 -18.76 28.37
C ARG A 228 -10.63 -17.30 28.44
N LEU A 229 -9.48 -17.05 29.05
CA LEU A 229 -8.97 -15.71 29.07
C LEU A 229 -8.10 -15.36 27.92
N LEU A 230 -7.99 -16.31 27.00
CA LEU A 230 -7.45 -16.09 25.65
C LEU A 230 -6.07 -15.48 25.63
N GLY A 231 -5.32 -15.76 26.69
CA GLY A 231 -3.97 -15.23 26.72
C GLY A 231 -3.91 -13.74 26.94
N LEU A 232 -5.04 -13.13 27.26
CA LEU A 232 -5.04 -11.68 27.28
C LEU A 232 -5.25 -11.07 28.60
N PHE A 233 -6.03 -11.73 29.46
CA PHE A 233 -6.37 -11.03 30.70
C PHE A 233 -6.04 -11.97 31.85
N PRO A 234 -5.72 -11.36 33.00
CA PRO A 234 -5.35 -12.19 34.17
C PRO A 234 -6.59 -12.70 34.86
N ASP A 235 -7.76 -12.20 34.52
CA ASP A 235 -8.92 -12.65 35.26
C ASP A 235 -10.07 -12.35 34.39
N ALA A 236 -11.28 -12.73 34.84
CA ALA A 236 -12.48 -12.54 34.03
C ALA A 236 -13.23 -11.29 34.41
N ASN A 237 -12.56 -10.34 35.06
CA ASN A 237 -13.26 -9.13 35.44
C ASN A 237 -13.74 -8.43 34.19
N ALA B 1 31.96 -8.30 12.71
CA ALA B 1 31.58 -6.88 12.55
C ALA B 1 30.13 -6.98 12.04
N ASP B 2 29.44 -5.85 11.97
CA ASP B 2 28.14 -5.82 11.26
C ASP B 2 28.35 -6.11 9.77
N THR B 3 27.24 -6.33 9.05
CA THR B 3 27.31 -6.47 7.62
C THR B 3 26.41 -5.34 7.17
N ILE B 4 26.91 -4.57 6.24
CA ILE B 4 26.27 -3.28 5.99
C ILE B 4 26.08 -3.19 4.47
N VAL B 5 24.86 -2.84 4.04
CA VAL B 5 24.72 -2.33 2.75
C VAL B 5 24.13 -0.96 2.96
N ALA B 6 24.59 0.03 2.20
CA ALA B 6 24.13 1.36 2.50
C ALA B 6 24.11 2.17 1.24
N VAL B 7 23.28 3.20 1.22
CA VAL B 7 23.36 4.23 0.20
C VAL B 7 23.80 5.38 1.04
N GLU B 8 24.94 5.94 0.67
CA GLU B 8 25.52 7.03 1.41
C GLU B 8 25.35 8.29 0.58
N LEU B 9 25.01 9.35 1.28
CA LEU B 9 24.93 10.66 0.72
C LEU B 9 26.15 11.25 1.44
N ASP B 10 27.23 11.24 0.72
CA ASP B 10 28.52 11.50 1.34
C ASP B 10 28.90 12.95 0.97
N SER B 11 28.79 13.82 1.93
CA SER B 11 29.00 15.27 1.71
C SER B 11 30.44 15.60 1.49
N TYR B 12 31.32 14.77 2.00
CA TYR B 12 32.69 15.21 2.20
C TYR B 12 33.63 14.20 1.53
N PRO B 13 34.43 14.63 0.54
CA PRO B 13 35.30 13.67 -0.07
C PRO B 13 36.47 13.36 0.83
N ASN B 14 36.62 12.08 1.13
CA ASN B 14 37.76 11.51 1.86
C ASN B 14 38.44 10.68 0.82
N THR B 15 39.19 11.38 -0.01
CA THR B 15 39.75 10.69 -1.14
C THR B 15 40.78 9.78 -0.59
N ASP B 16 41.25 10.07 0.61
CA ASP B 16 42.16 9.14 1.26
C ASP B 16 41.57 7.73 1.40
N ILE B 17 40.26 7.63 1.59
CA ILE B 17 39.67 6.30 1.68
C ILE B 17 38.78 6.04 0.49
N GLY B 18 39.18 6.59 -0.67
CA GLY B 18 38.62 6.21 -1.95
C GLY B 18 37.32 6.98 -2.31
N ASP B 19 36.93 7.99 -1.56
CA ASP B 19 35.82 8.78 -2.00
C ASP B 19 36.29 9.36 -3.29
N PRO B 20 35.37 9.60 -4.22
CA PRO B 20 35.70 10.52 -5.30
C PRO B 20 35.85 11.89 -4.75
N SER B 21 36.39 12.76 -5.58
CA SER B 21 36.84 14.01 -4.99
C SER B 21 35.71 15.01 -4.98
N TYR B 22 34.46 14.57 -4.83
CA TYR B 22 33.38 15.57 -4.77
C TYR B 22 32.32 14.92 -3.91
N PRO B 23 31.38 15.72 -3.44
CA PRO B 23 30.27 15.14 -2.70
C PRO B 23 29.60 14.17 -3.63
N HIS B 24 29.15 13.05 -3.08
CA HIS B 24 28.74 12.02 -3.96
C HIS B 24 27.72 11.18 -3.23
N ILE B 25 26.91 10.49 -3.98
CA ILE B 25 26.12 9.46 -3.37
C ILE B 25 26.78 8.14 -3.71
N GLY B 26 26.57 7.11 -2.90
CA GLY B 26 27.32 5.95 -3.11
C GLY B 26 26.54 4.77 -2.63
N ILE B 27 26.81 3.63 -3.25
CA ILE B 27 26.29 2.35 -2.80
C ILE B 27 27.44 1.61 -2.17
N ASP B 28 27.25 1.34 -0.90
CA ASP B 28 28.34 0.73 -0.13
C ASP B 28 27.87 -0.68 0.12
N ILE B 29 28.73 -1.64 -0.19
CA ILE B 29 28.36 -2.99 0.18
C ILE B 29 29.49 -3.53 0.97
N LYS B 30 29.29 -3.64 2.28
CA LYS B 30 30.24 -4.16 3.24
C LYS B 30 31.51 -3.32 3.39
N SER B 31 31.52 -2.11 2.88
CA SER B 31 32.72 -1.31 2.96
C SER B 31 32.28 0.10 2.71
N ILE B 32 32.98 1.05 3.35
CA ILE B 32 32.72 2.44 3.15
C ILE B 32 33.17 2.82 1.79
N ARG B 33 34.00 2.01 1.17
CA ARG B 33 34.45 2.36 -0.19
C ARG B 33 33.41 1.92 -1.18
N SER B 34 32.58 2.86 -1.54
CA SER B 34 31.39 2.55 -2.33
C SER B 34 31.72 1.76 -3.53
N LYS B 35 30.85 0.83 -3.84
CA LYS B 35 31.00 0.05 -5.06
C LYS B 35 30.66 0.88 -6.27
N SER B 36 29.92 1.93 -6.04
CA SER B 36 29.57 2.82 -7.14
C SER B 36 29.17 4.17 -6.55
N THR B 37 29.56 5.21 -7.23
CA THR B 37 29.24 6.52 -6.73
C THR B 37 28.78 7.36 -7.83
N ALA B 38 28.13 8.45 -7.48
CA ALA B 38 27.84 9.37 -8.51
C ALA B 38 28.03 10.72 -7.88
N ARG B 39 28.36 11.69 -8.72
CA ARG B 39 28.48 13.05 -8.22
C ARG B 39 27.18 13.55 -7.72
N TRP B 40 27.23 14.09 -6.51
CA TRP B 40 26.12 14.66 -5.86
C TRP B 40 26.26 16.16 -5.71
N ASN B 41 25.41 16.91 -6.43
CA ASN B 41 25.45 18.33 -6.35
C ASN B 41 24.61 18.73 -5.15
N MET B 42 25.27 18.80 -4.01
CA MET B 42 24.54 18.95 -2.78
C MET B 42 23.93 20.31 -2.81
N GLN B 43 22.90 20.51 -2.01
CA GLN B 43 22.36 21.82 -1.93
C GLN B 43 22.06 22.00 -0.49
N THR B 44 23.10 22.35 0.24
CA THR B 44 23.02 22.57 1.63
C THR B 44 21.95 23.60 1.91
N GLY B 45 21.21 23.40 3.00
CA GLY B 45 20.11 24.23 3.33
C GLY B 45 18.82 23.92 2.61
N LYS B 46 18.88 23.06 1.61
CA LYS B 46 17.70 22.65 0.86
C LYS B 46 17.25 21.23 1.24
N VAL B 47 15.94 21.01 1.29
CA VAL B 47 15.48 19.66 1.63
C VAL B 47 15.68 18.78 0.37
N GLY B 48 16.34 17.65 0.60
CA GLY B 48 16.61 16.67 -0.41
C GLY B 48 15.73 15.44 -0.16
N THR B 49 15.61 14.65 -1.20
CA THR B 49 14.82 13.44 -1.05
C THR B 49 15.72 12.41 -1.65
N ALA B 50 15.78 11.26 -1.01
CA ALA B 50 16.50 10.16 -1.59
C ALA B 50 15.50 9.03 -1.71
N HIS B 51 15.51 8.38 -2.87
CA HIS B 51 14.70 7.18 -3.15
C HIS B 51 15.69 6.08 -3.50
N ILE B 52 15.57 4.97 -2.81
CA ILE B 52 16.49 3.89 -2.97
C ILE B 52 15.61 2.67 -3.25
N SER B 53 15.98 1.82 -4.21
CA SER B 53 15.17 0.68 -4.42
C SER B 53 16.04 -0.45 -4.81
N TYR B 54 15.50 -1.64 -4.65
CA TYR B 54 16.18 -2.82 -5.01
C TYR B 54 15.15 -3.85 -5.24
N ASN B 55 15.43 -4.75 -6.17
CA ASN B 55 14.55 -5.82 -6.45
C ASN B 55 15.51 -6.97 -6.72
N SER B 56 15.22 -8.12 -6.15
CA SER B 56 16.20 -9.23 -6.23
C SER B 56 16.15 -9.88 -7.62
N VAL B 57 15.22 -9.50 -8.46
CA VAL B 57 15.20 -10.08 -9.80
C VAL B 57 16.13 -9.27 -10.65
N ALA B 58 15.94 -7.96 -10.60
CA ALA B 58 16.82 -7.04 -11.27
C ALA B 58 18.16 -7.10 -10.67
N LYS B 59 18.23 -7.38 -9.36
CA LYS B 59 19.49 -7.32 -8.63
C LYS B 59 20.24 -6.01 -8.80
N ARG B 60 19.53 -4.90 -8.69
CA ARG B 60 20.16 -3.63 -8.90
C ARG B 60 19.65 -2.79 -7.75
N LEU B 61 20.55 -2.23 -7.00
CA LEU B 61 20.20 -1.36 -5.96
C LEU B 61 20.43 0.01 -6.60
N THR B 62 19.50 0.90 -6.45
CA THR B 62 19.61 2.23 -7.04
C THR B 62 19.21 3.24 -6.02
N ALA B 63 19.74 4.44 -6.21
CA ALA B 63 19.34 5.50 -5.33
C ALA B 63 19.29 6.70 -6.22
N VAL B 64 18.34 7.60 -5.96
CA VAL B 64 18.39 8.89 -6.58
C VAL B 64 18.21 9.87 -5.49
N VAL B 65 18.86 11.01 -5.67
CA VAL B 65 18.73 11.98 -4.64
C VAL B 65 18.38 13.22 -5.45
N SER B 66 17.36 13.94 -5.02
CA SER B 66 16.95 15.12 -5.74
C SER B 66 16.61 16.24 -4.76
N TYR B 67 16.75 17.47 -5.21
CA TYR B 67 16.13 18.60 -4.52
C TYR B 67 15.12 19.19 -5.49
N SER B 68 14.09 19.79 -4.95
CA SER B 68 13.07 20.27 -5.85
C SER B 68 13.71 21.27 -6.79
N GLY B 69 13.34 21.19 -8.04
CA GLY B 69 13.83 22.13 -9.01
C GLY B 69 15.24 21.91 -9.49
N SER B 70 15.91 20.81 -9.07
CA SER B 70 17.28 20.54 -9.52
C SER B 70 17.42 19.14 -10.11
N SER B 71 18.41 18.90 -10.97
CA SER B 71 18.54 17.59 -11.62
C SER B 71 18.94 16.60 -10.55
N SER B 72 18.50 15.39 -10.70
CA SER B 72 18.78 14.47 -9.65
C SER B 72 20.17 13.81 -9.81
N THR B 73 20.64 13.11 -8.77
CA THR B 73 21.82 12.36 -8.85
C THR B 73 21.40 10.93 -8.71
N THR B 74 21.94 10.04 -9.51
CA THR B 74 21.45 8.64 -9.35
C THR B 74 22.67 7.79 -9.27
N VAL B 75 22.60 6.68 -8.56
CA VAL B 75 23.65 5.74 -8.62
C VAL B 75 23.02 4.38 -8.50
N SER B 76 23.55 3.40 -9.19
CA SER B 76 22.93 2.08 -9.13
C SER B 76 24.08 1.12 -9.01
N TYR B 77 23.84 -0.02 -8.45
CA TYR B 77 24.86 -1.01 -8.46
C TYR B 77 24.24 -2.37 -8.43
N ASP B 78 24.77 -3.28 -9.24
CA ASP B 78 24.16 -4.61 -9.32
C ASP B 78 24.63 -5.33 -8.08
N VAL B 79 23.71 -5.86 -7.33
CA VAL B 79 24.06 -6.51 -6.12
C VAL B 79 22.99 -7.52 -5.84
N ASP B 80 23.41 -8.65 -5.27
CA ASP B 80 22.45 -9.63 -4.86
C ASP B 80 22.54 -9.60 -3.37
N LEU B 81 21.51 -8.97 -2.80
CA LEU B 81 21.49 -8.75 -1.38
C LEU B 81 21.50 -10.07 -0.65
N THR B 82 20.92 -11.10 -1.22
CA THR B 82 20.90 -12.37 -0.48
C THR B 82 22.30 -12.93 -0.33
N ASN B 83 23.27 -12.46 -1.11
CA ASN B 83 24.63 -12.93 -0.84
C ASN B 83 25.42 -11.93 0.00
N VAL B 84 24.75 -10.97 0.50
CA VAL B 84 25.49 -9.96 1.17
C VAL B 84 24.93 -9.85 2.60
N LEU B 85 23.61 -9.75 2.72
CA LEU B 85 23.00 -9.45 3.99
C LEU B 85 22.49 -10.73 4.56
N PRO B 86 22.40 -10.80 5.87
CA PRO B 86 21.65 -11.91 6.46
C PRO B 86 20.22 -11.79 6.03
N GLU B 87 19.40 -12.83 6.23
CA GLU B 87 18.03 -12.73 5.70
C GLU B 87 17.24 -11.78 6.53
N TRP B 88 17.60 -11.63 7.80
CA TRP B 88 16.93 -10.68 8.61
C TRP B 88 17.83 -9.54 8.85
N VAL B 89 17.28 -8.36 8.73
CA VAL B 89 18.14 -7.15 8.83
C VAL B 89 17.34 -6.15 9.63
N ARG B 90 18.00 -5.08 10.04
CA ARG B 90 17.32 -3.91 10.39
C ARG B 90 17.71 -2.88 9.35
N VAL B 91 16.81 -1.93 9.13
CA VAL B 91 17.10 -0.86 8.22
C VAL B 91 17.17 0.40 9.01
N GLY B 92 17.96 1.38 8.52
CA GLY B 92 18.13 2.52 9.36
C GLY B 92 18.79 3.60 8.58
N LEU B 93 18.91 4.73 9.24
CA LEU B 93 19.59 5.87 8.67
C LEU B 93 20.74 6.10 9.60
N SER B 94 21.86 6.52 9.04
CA SER B 94 22.98 6.87 9.87
C SER B 94 23.52 8.19 9.42
N ALA B 95 24.28 8.85 10.28
CA ALA B 95 24.92 10.05 9.77
C ALA B 95 26.03 10.36 10.69
N THR B 96 26.98 11.13 10.20
CA THR B 96 28.07 11.50 11.08
C THR B 96 28.44 12.91 10.68
N THR B 97 29.08 13.56 11.65
CA THR B 97 29.95 14.69 11.35
C THR B 97 31.31 14.29 11.91
N GLY B 98 32.34 15.06 11.58
CA GLY B 98 33.66 14.70 12.05
C GLY B 98 34.34 16.01 12.36
N LEU B 99 35.46 16.26 11.69
CA LEU B 99 36.09 17.58 11.87
C LEU B 99 35.15 18.63 11.32
N TYR B 100 34.57 18.36 10.13
CA TYR B 100 33.57 19.22 9.61
C TYR B 100 32.18 18.67 9.87
N LYS B 101 31.18 19.49 9.62
CA LYS B 101 29.88 19.17 10.18
C LYS B 101 28.75 19.70 9.31
N GLU B 102 27.57 19.20 9.64
CA GLU B 102 26.35 19.46 8.93
C GLU B 102 25.25 18.90 9.79
N THR B 103 24.05 19.39 9.57
CA THR B 103 22.94 18.73 10.18
C THR B 103 22.73 17.51 9.26
N ASN B 104 22.16 16.47 9.84
CA ASN B 104 21.73 15.33 9.11
C ASN B 104 20.35 15.08 9.55
N THR B 105 19.48 15.97 9.12
CA THR B 105 18.15 16.05 9.66
C THR B 105 17.31 15.22 8.75
N ILE B 106 16.58 14.29 9.32
CA ILE B 106 15.65 13.53 8.49
C ILE B 106 14.24 13.99 8.79
N LEU B 107 13.58 14.42 7.76
CA LEU B 107 12.27 14.99 7.93
C LEU B 107 11.20 13.94 7.70
N SER B 108 11.58 12.91 6.94
CA SER B 108 10.61 11.84 6.64
C SER B 108 11.33 10.66 6.11
N TRP B 109 10.74 9.51 6.32
CA TRP B 109 11.39 8.30 5.93
C TRP B 109 10.33 7.28 5.78
N SER B 110 10.33 6.59 4.63
CA SER B 110 9.39 5.54 4.44
C SER B 110 10.24 4.39 3.92
N PHE B 111 9.70 3.20 4.04
CA PHE B 111 10.42 2.03 3.61
C PHE B 111 9.40 0.96 3.39
N THR B 112 9.62 0.12 2.35
CA THR B 112 8.71 -0.95 2.06
C THR B 112 9.55 -2.06 1.63
N SER B 113 9.36 -3.22 2.25
CA SER B 113 10.07 -4.36 1.82
C SER B 113 9.02 -5.40 1.44
N LYS B 114 9.33 -6.27 0.46
CA LYS B 114 8.38 -7.35 0.17
C LYS B 114 9.22 -8.58 -0.03
N LEU B 115 8.65 -9.73 0.29
CA LEU B 115 9.17 -10.99 -0.15
C LEU B 115 7.99 -11.62 -0.86
N LYS B 116 8.10 -11.91 -2.16
CA LYS B 116 7.05 -12.66 -2.86
C LYS B 116 7.71 -13.94 -3.33
N THR B 117 7.04 -14.81 -4.05
CA THR B 117 5.73 -15.30 -3.80
C THR B 117 5.78 -16.49 -2.85
N ALA B 123 4.30 -12.89 0.38
CA ALA B 123 4.77 -13.74 1.49
C ALA B 123 5.06 -12.86 2.71
N ASN B 124 5.60 -11.66 2.40
CA ASN B 124 5.84 -10.76 3.50
C ASN B 124 5.83 -9.36 2.98
N ALA B 125 5.42 -8.43 3.82
CA ALA B 125 5.62 -7.06 3.45
C ALA B 125 5.86 -6.42 4.74
N LEU B 126 6.72 -5.43 4.66
CA LEU B 126 6.83 -4.50 5.78
C LEU B 126 6.84 -3.11 5.17
N HIS B 127 6.12 -2.18 5.79
CA HIS B 127 6.19 -0.85 5.32
C HIS B 127 6.05 0.02 6.53
N PHE B 128 6.85 1.08 6.54
CA PHE B 128 6.62 2.08 7.53
C PHE B 128 6.88 3.37 6.87
N SER B 129 6.29 4.42 7.43
CA SER B 129 6.40 5.73 6.84
C SER B 129 6.27 6.66 8.01
N PHE B 130 7.19 7.60 8.05
CA PHE B 130 7.16 8.66 9.06
C PHE B 130 7.20 9.95 8.31
N ASN B 131 6.25 10.81 8.56
CA ASN B 131 6.21 12.15 7.93
C ASN B 131 6.75 13.09 8.96
N GLN B 132 6.90 12.57 10.16
CA GLN B 132 7.37 13.32 11.31
C GLN B 132 7.81 12.29 12.31
N PHE B 133 8.58 12.66 13.31
CA PHE B 133 8.99 11.68 14.26
C PHE B 133 8.58 12.23 15.58
N THR B 134 8.06 11.35 16.40
CA THR B 134 7.63 11.59 17.74
C THR B 134 8.81 12.00 18.56
N GLN B 135 8.52 12.70 19.63
CA GLN B 135 9.52 12.97 20.61
C GLN B 135 10.09 11.68 21.18
N ASN B 136 9.31 10.63 21.18
CA ASN B 136 9.81 9.37 21.71
C ASN B 136 9.39 8.31 20.71
N PRO B 137 10.20 8.10 19.72
CA PRO B 137 9.76 7.20 18.63
C PRO B 137 10.08 5.78 19.05
N LYS B 138 9.06 5.09 19.58
CA LYS B 138 9.22 3.80 20.16
C LYS B 138 9.54 2.71 19.14
N ASP B 139 9.34 3.05 17.89
CA ASP B 139 9.52 2.14 16.78
C ASP B 139 10.82 2.44 16.08
N LEU B 140 11.62 3.35 16.69
CA LEU B 140 12.98 3.54 16.22
C LEU B 140 13.98 3.18 17.26
N ILE B 141 15.10 2.65 16.82
CA ILE B 141 16.20 2.39 17.74
C ILE B 141 17.13 3.49 17.45
N LEU B 142 17.27 4.41 18.38
CA LEU B 142 18.15 5.53 18.11
C LEU B 142 19.49 5.20 18.69
N GLN B 143 20.51 5.43 17.89
CA GLN B 143 21.82 4.97 18.26
C GLN B 143 22.67 6.23 18.24
N GLY B 144 23.68 6.20 19.08
CA GLY B 144 24.59 7.31 19.15
C GLY B 144 23.84 8.58 19.51
N ASP B 145 24.10 9.61 18.73
CA ASP B 145 23.60 10.94 19.04
C ASP B 145 22.26 11.15 18.42
N ALA B 146 21.67 10.16 17.78
CA ALA B 146 20.41 10.48 17.05
C ALA B 146 19.30 10.81 18.00
N THR B 147 18.51 11.84 17.69
CA THR B 147 17.43 12.16 18.55
C THR B 147 16.38 12.74 17.64
N THR B 148 15.22 12.97 18.17
CA THR B 148 14.22 13.62 17.38
C THR B 148 13.98 14.91 18.11
N ASP B 149 13.64 15.95 17.38
CA ASP B 149 13.68 17.23 18.01
C ASP B 149 12.27 17.69 18.16
N SER B 150 11.99 18.88 18.65
CA SER B 150 10.68 19.16 18.17
C SER B 150 10.80 19.75 16.82
N ASP B 151 9.61 20.07 16.22
CA ASP B 151 9.61 20.23 14.81
C ASP B 151 9.47 18.85 14.27
N GLY B 152 9.66 17.75 15.09
CA GLY B 152 9.33 16.38 14.68
C GLY B 152 10.36 15.83 13.72
N ASN B 153 11.55 16.42 13.72
CA ASN B 153 12.58 15.90 12.87
C ASN B 153 13.50 14.91 13.55
N LEU B 154 14.06 14.04 12.75
CA LEU B 154 15.09 13.13 13.26
C LEU B 154 16.43 13.75 13.01
N GLU B 155 17.08 14.19 14.10
CA GLU B 155 18.43 14.73 13.99
C GLU B 155 19.37 13.58 14.17
N LEU B 156 19.91 13.03 13.08
CA LEU B 156 20.78 11.85 13.22
C LEU B 156 22.04 12.27 13.97
N THR B 157 22.53 13.45 13.71
CA THR B 157 23.77 13.87 14.37
C THR B 157 23.44 15.09 15.21
N LYS B 158 24.35 15.40 16.14
CA LYS B 158 24.00 16.32 17.18
C LYS B 158 23.84 17.73 16.65
N VAL B 159 22.80 18.41 17.09
CA VAL B 159 22.60 19.79 16.68
C VAL B 159 22.44 20.55 18.01
N SER B 160 22.75 21.85 18.01
CA SER B 160 22.62 22.68 19.23
C SER B 160 21.15 22.98 19.45
N SER B 161 20.80 23.52 20.60
CA SER B 161 19.40 23.94 20.81
C SER B 161 18.85 24.93 19.77
N SER B 162 19.71 25.59 19.01
CA SER B 162 19.24 26.42 17.90
C SER B 162 19.27 25.61 16.62
N GLY B 163 19.85 24.43 16.68
CA GLY B 163 19.81 23.58 15.50
C GLY B 163 21.11 23.65 14.75
N SER B 164 22.14 24.24 15.36
CA SER B 164 23.41 24.30 14.67
C SER B 164 24.15 22.96 14.93
N PRO B 165 24.64 22.37 13.84
CA PRO B 165 25.21 21.02 13.85
C PRO B 165 26.52 20.99 14.57
N GLN B 166 26.79 19.90 15.29
CA GLN B 166 28.06 19.71 15.96
C GLN B 166 28.93 18.73 15.21
N GLY B 167 30.23 18.90 15.39
CA GLY B 167 31.17 17.95 14.83
C GLY B 167 31.23 16.70 15.65
N SER B 168 32.00 15.73 15.14
CA SER B 168 32.34 14.49 15.81
C SER B 168 31.11 13.83 16.36
N SER B 169 30.03 13.82 15.57
CA SER B 169 28.79 13.24 16.00
C SER B 169 28.48 12.04 15.13
N VAL B 170 27.83 11.05 15.71
CA VAL B 170 27.41 9.94 14.91
C VAL B 170 26.07 9.58 15.49
N GLY B 171 25.12 9.25 14.62
CA GLY B 171 23.85 8.88 15.14
C GLY B 171 23.22 8.02 14.09
N ARG B 172 22.35 7.13 14.53
CA ARG B 172 21.68 6.27 13.57
C ARG B 172 20.30 6.07 14.13
N ALA B 173 19.38 5.72 13.26
CA ALA B 173 18.06 5.32 13.70
C ALA B 173 17.68 4.12 12.87
N LEU B 174 17.32 3.04 13.58
CA LEU B 174 16.97 1.82 12.95
C LEU B 174 15.52 1.65 13.20
N PHE B 175 14.83 1.16 12.18
CA PHE B 175 13.47 0.84 12.46
C PHE B 175 13.44 -0.39 13.39
N TYR B 176 12.47 -0.39 14.25
CA TYR B 176 12.54 -1.25 15.40
C TYR B 176 12.39 -2.70 14.96
N ALA B 177 11.51 -2.95 14.00
CA ALA B 177 11.30 -4.36 13.63
C ALA B 177 12.38 -4.83 12.65
N PRO B 178 12.88 -6.03 12.87
CA PRO B 178 13.71 -6.63 11.82
C PRO B 178 12.88 -6.81 10.58
N VAL B 179 13.56 -6.75 9.43
CA VAL B 179 12.92 -6.87 8.15
C VAL B 179 13.49 -8.14 7.51
N HIS B 180 12.62 -8.90 6.89
CA HIS B 180 13.00 -10.14 6.35
C HIS B 180 13.32 -9.80 4.93
N ILE B 181 14.57 -9.40 4.70
CA ILE B 181 14.94 -8.69 3.48
C ILE B 181 15.09 -9.65 2.38
N TRP B 182 15.32 -10.91 2.72
CA TRP B 182 15.38 -11.93 1.74
C TRP B 182 15.13 -13.28 2.37
N GLU B 183 14.80 -14.25 1.56
CA GLU B 183 14.52 -15.53 2.13
C GLU B 183 14.66 -16.50 0.99
N SER B 184 15.14 -17.71 1.25
CA SER B 184 15.64 -18.58 0.17
C SER B 184 14.55 -19.05 -0.78
N SER B 185 13.32 -19.15 -0.30
CA SER B 185 12.32 -19.64 -1.22
C SER B 185 11.54 -18.48 -1.81
N ALA B 186 11.92 -17.22 -1.50
CA ALA B 186 11.16 -16.11 -2.00
C ALA B 186 11.49 -16.00 -3.48
N VAL B 187 10.51 -15.70 -4.29
CA VAL B 187 10.75 -15.58 -5.68
C VAL B 187 11.39 -14.22 -5.90
N VAL B 188 10.91 -13.23 -5.18
CA VAL B 188 11.42 -11.88 -5.34
C VAL B 188 11.54 -11.28 -3.99
N ALA B 189 12.59 -10.56 -3.76
CA ALA B 189 12.61 -9.73 -2.59
C ALA B 189 12.83 -8.32 -3.09
N SER B 190 12.20 -7.33 -2.49
CA SER B 190 12.41 -6.02 -3.00
C SER B 190 12.29 -5.12 -1.84
N PHE B 191 12.83 -3.92 -2.01
CA PHE B 191 12.47 -2.93 -1.00
C PHE B 191 12.67 -1.58 -1.63
N ASP B 192 12.03 -0.59 -1.03
CA ASP B 192 12.06 0.76 -1.55
C ASP B 192 12.08 1.59 -0.31
N ALA B 193 12.86 2.65 -0.34
CA ALA B 193 12.94 3.48 0.79
C ALA B 193 13.05 4.83 0.22
N THR B 194 12.46 5.76 0.92
CA THR B 194 12.72 7.17 0.66
C THR B 194 12.87 7.93 1.92
N PHE B 195 13.69 8.94 1.86
CA PHE B 195 13.73 9.81 3.06
C PHE B 195 13.97 11.19 2.54
N THR B 196 13.51 12.18 3.27
CA THR B 196 13.90 13.55 2.93
C THR B 196 14.75 14.08 4.01
N PHE B 197 15.74 14.91 3.65
CA PHE B 197 16.73 15.22 4.62
C PHE B 197 17.05 16.69 4.44
N LEU B 198 17.62 17.26 5.48
CA LEU B 198 17.98 18.65 5.41
C LEU B 198 19.39 18.66 5.96
N ILE B 199 20.32 18.92 5.06
CA ILE B 199 21.68 19.05 5.51
C ILE B 199 21.97 20.55 5.47
N LYS B 200 22.28 21.12 6.63
CA LYS B 200 22.66 22.53 6.62
C LYS B 200 24.01 22.56 7.29
N SER B 201 24.87 23.51 6.96
CA SER B 201 26.17 23.50 7.63
C SER B 201 26.75 24.86 7.54
N PRO B 202 27.48 25.29 8.57
CA PRO B 202 28.11 26.61 8.42
C PRO B 202 29.52 26.41 7.87
N ASP B 203 29.90 25.16 7.67
CA ASP B 203 31.24 24.81 7.25
C ASP B 203 31.26 25.00 5.74
N SER B 204 32.38 25.42 5.17
CA SER B 204 32.27 25.67 3.76
C SER B 204 32.41 24.29 3.09
N GLU B 205 32.88 23.32 3.86
CA GLU B 205 33.07 21.93 3.44
C GLU B 205 32.36 21.09 4.47
N PRO B 206 31.05 21.00 4.35
CA PRO B 206 30.27 20.21 5.32
C PRO B 206 30.68 18.79 5.30
N ALA B 207 30.39 18.10 6.39
CA ALA B 207 30.69 16.70 6.44
C ALA B 207 29.86 16.17 7.55
N ASP B 208 29.74 14.86 7.63
CA ASP B 208 30.34 13.98 6.71
C ASP B 208 29.36 13.31 5.77
N GLY B 209 28.20 12.94 6.27
CA GLY B 209 27.25 12.36 5.32
C GLY B 209 26.19 11.65 6.10
N ILE B 210 25.19 11.20 5.37
CA ILE B 210 24.17 10.36 5.95
C ILE B 210 23.88 9.20 5.02
N THR B 211 23.29 8.15 5.57
CA THR B 211 23.07 7.02 4.75
C THR B 211 21.72 6.44 5.11
N PHE B 212 21.23 5.64 4.19
CA PHE B 212 20.20 4.68 4.56
C PHE B 212 20.96 3.38 4.48
N PHE B 213 20.77 2.50 5.45
CA PHE B 213 21.56 1.31 5.41
C PHE B 213 20.73 0.16 5.92
N ILE B 214 21.20 -1.02 5.64
CA ILE B 214 20.55 -2.25 5.97
C ILE B 214 21.69 -3.08 6.57
N ALA B 215 21.41 -3.73 7.68
CA ALA B 215 22.48 -4.31 8.44
C ALA B 215 21.90 -5.52 9.14
N ASN B 216 22.77 -6.38 9.66
CA ASN B 216 22.31 -7.39 10.57
C ASN B 216 21.49 -6.71 11.63
N THR B 217 20.54 -7.44 12.18
CA THR B 217 19.55 -6.82 13.04
C THR B 217 20.21 -6.19 14.28
N ASP B 218 21.28 -6.80 14.78
CA ASP B 218 21.89 -6.30 16.02
C ASP B 218 22.96 -5.26 15.74
N THR B 219 22.92 -4.64 14.54
CA THR B 219 23.91 -3.69 14.17
C THR B 219 23.97 -2.59 15.19
N SER B 220 25.17 -2.09 15.42
CA SER B 220 25.31 -1.00 16.35
C SER B 220 26.41 -0.15 15.68
N ILE B 221 26.53 1.09 16.14
CA ILE B 221 27.57 1.95 15.64
C ILE B 221 28.94 1.32 15.92
N PRO B 222 29.70 1.08 14.87
CA PRO B 222 30.98 0.43 15.16
C PRO B 222 31.97 1.40 15.83
N SER B 223 32.97 0.86 16.53
CA SER B 223 33.91 1.75 17.14
C SER B 223 34.60 2.44 16.02
N GLY B 224 35.02 3.66 16.26
CA GLY B 224 35.81 4.36 15.27
C GLY B 224 35.02 4.60 13.97
N SER B 225 33.68 4.55 14.01
CA SER B 225 32.91 4.72 12.75
C SER B 225 32.49 6.13 12.58
N SER B 226 33.09 7.01 13.36
CA SER B 226 32.84 8.42 13.31
C SER B 226 33.15 9.01 11.92
N GLY B 227 32.66 10.20 11.66
CA GLY B 227 33.21 10.96 10.55
C GLY B 227 33.01 10.28 9.22
N ARG B 228 34.12 10.08 8.50
CA ARG B 228 34.04 9.57 7.16
C ARG B 228 33.53 8.16 7.07
N LEU B 229 33.47 7.50 8.23
CA LEU B 229 32.95 6.14 8.22
C LEU B 229 31.42 6.10 8.35
N LEU B 230 30.83 7.26 8.47
CA LEU B 230 29.41 7.45 8.42
C LEU B 230 28.66 6.57 9.41
N GLY B 231 29.32 6.05 10.44
CA GLY B 231 28.57 5.44 11.53
C GLY B 231 28.30 3.99 11.17
N LEU B 232 28.91 3.54 10.10
CA LEU B 232 28.53 2.27 9.52
C LEU B 232 29.64 1.24 9.63
N PHE B 233 30.89 1.69 9.56
CA PHE B 233 31.96 0.72 9.47
C PHE B 233 33.02 1.06 10.47
N PRO B 234 33.75 0.03 10.91
CA PRO B 234 34.74 0.16 11.93
C PRO B 234 36.03 0.63 11.28
N ASP B 235 36.12 0.51 9.98
CA ASP B 235 37.37 0.99 9.34
C ASP B 235 37.08 1.32 7.92
N ALA B 236 38.12 1.70 7.19
CA ALA B 236 37.93 2.06 5.80
C ALA B 236 38.30 0.98 4.81
N ASN B 237 38.40 -0.26 5.26
CA ASN B 237 38.65 -1.32 4.32
C ASN B 237 37.54 -1.48 3.27
N ALA C 1 1.21 2.93 -35.07
CA ALA C 1 0.80 1.71 -34.32
C ALA C 1 0.91 2.04 -32.83
N ASP C 2 0.45 1.10 -32.05
CA ASP C 2 0.66 1.20 -30.60
C ASP C 2 2.12 1.19 -30.32
N THR C 3 2.45 1.65 -29.13
CA THR C 3 3.80 1.52 -28.53
C THR C 3 3.65 0.54 -27.41
N ILE C 4 4.38 -0.53 -27.54
CA ILE C 4 4.23 -1.65 -26.63
C ILE C 4 5.52 -1.98 -25.95
N VAL C 5 5.40 -2.21 -24.67
CA VAL C 5 6.45 -2.84 -23.93
C VAL C 5 5.78 -3.95 -23.21
N ALA C 6 6.43 -5.11 -23.19
CA ALA C 6 5.68 -6.25 -22.64
C ALA C 6 6.69 -7.20 -22.13
N VAL C 7 6.21 -8.05 -21.22
CA VAL C 7 6.90 -9.21 -20.78
C VAL C 7 6.07 -10.34 -21.29
N GLU C 8 6.67 -11.13 -22.18
CA GLU C 8 5.92 -12.16 -22.78
C GLU C 8 6.22 -13.44 -22.08
N LEU C 9 5.18 -14.25 -21.98
CA LEU C 9 5.37 -15.62 -21.58
C LEU C 9 4.96 -16.40 -22.78
N ASP C 10 5.98 -16.84 -23.49
CA ASP C 10 5.80 -17.20 -24.84
C ASP C 10 5.97 -18.72 -24.84
N SER C 11 4.84 -19.41 -24.96
CA SER C 11 4.88 -20.84 -24.83
C SER C 11 5.42 -21.44 -26.11
N TYR C 12 5.41 -20.69 -27.22
CA TYR C 12 5.55 -21.37 -28.47
C TYR C 12 6.60 -20.77 -29.28
N PRO C 13 7.65 -21.57 -29.64
CA PRO C 13 8.81 -20.99 -30.33
C PRO C 13 8.49 -20.75 -31.75
N ASN C 14 8.48 -19.49 -32.15
CA ASN C 14 8.33 -19.12 -33.54
C ASN C 14 9.67 -18.70 -33.95
N THR C 15 10.48 -19.65 -34.35
CA THR C 15 11.87 -19.28 -34.47
C THR C 15 12.00 -18.38 -35.70
N ASP C 16 10.96 -18.38 -36.51
CA ASP C 16 11.04 -17.61 -37.68
C ASP C 16 11.00 -16.11 -37.33
N ILE C 17 10.41 -15.75 -36.18
CA ILE C 17 10.49 -14.40 -35.69
C ILE C 17 11.40 -14.23 -34.48
N GLY C 18 12.46 -15.00 -34.46
CA GLY C 18 13.51 -14.78 -33.53
C GLY C 18 13.24 -15.38 -32.19
N ASP C 19 12.13 -16.11 -32.02
CA ASP C 19 11.97 -16.82 -30.73
C ASP C 19 13.10 -17.77 -30.57
N PRO C 20 13.57 -17.96 -29.34
CA PRO C 20 14.39 -19.13 -29.12
C PRO C 20 13.62 -20.39 -29.30
N SER C 21 14.33 -21.51 -29.37
CA SER C 21 13.68 -22.71 -29.79
C SER C 21 13.14 -23.40 -28.54
N TYR C 22 12.65 -22.64 -27.58
CA TYR C 22 12.00 -23.25 -26.51
C TYR C 22 11.03 -22.22 -25.92
N PRO C 23 10.10 -22.70 -25.10
CA PRO C 23 9.24 -21.72 -24.41
C PRO C 23 10.08 -20.78 -23.64
N HIS C 24 9.67 -19.53 -23.56
CA HIS C 24 10.63 -18.60 -22.99
C HIS C 24 9.86 -17.44 -22.48
N ILE C 25 10.46 -16.68 -21.59
CA ILE C 25 9.88 -15.40 -21.30
C ILE C 25 10.74 -14.37 -21.95
N GLY C 26 10.19 -13.19 -22.17
CA GLY C 26 10.98 -12.25 -22.93
C GLY C 26 10.50 -10.85 -22.55
N ILE C 27 11.37 -9.89 -22.79
CA ILE C 27 11.03 -8.48 -22.60
C ILE C 27 10.97 -7.94 -24.01
N ASP C 28 9.79 -7.46 -24.40
CA ASP C 28 9.55 -6.99 -25.75
C ASP C 28 9.47 -5.49 -25.62
N ILE C 29 10.31 -4.78 -26.38
CA ILE C 29 10.25 -3.31 -26.39
C ILE C 29 9.96 -2.94 -27.85
N LYS C 30 8.69 -2.64 -28.11
CA LYS C 30 8.26 -2.15 -29.39
C LYS C 30 8.54 -3.15 -30.41
N SER C 31 8.61 -4.40 -30.02
CA SER C 31 8.71 -5.48 -31.04
C SER C 31 8.47 -6.81 -30.36
N ILE C 32 7.90 -7.73 -31.11
CA ILE C 32 7.69 -9.10 -30.67
C ILE C 32 9.01 -9.84 -30.56
N ARG C 33 10.02 -9.31 -31.24
CA ARG C 33 11.34 -9.90 -31.14
C ARG C 33 11.95 -9.41 -29.90
N SER C 34 11.84 -10.23 -28.86
CA SER C 34 12.14 -9.81 -27.56
C SER C 34 13.57 -9.32 -27.51
N LYS C 35 13.78 -8.31 -26.68
CA LYS C 35 15.10 -7.73 -26.47
C LYS C 35 15.87 -8.64 -25.58
N SER C 36 15.18 -9.45 -24.80
CA SER C 36 15.88 -10.38 -23.99
C SER C 36 14.96 -11.50 -23.68
N THR C 37 15.53 -12.71 -23.58
CA THR C 37 14.69 -13.85 -23.37
C THR C 37 15.35 -14.72 -22.37
N ALA C 38 14.54 -15.56 -21.75
CA ALA C 38 15.06 -16.60 -20.93
C ALA C 38 14.19 -17.87 -21.06
N ARG C 39 14.89 -18.99 -21.07
CA ARG C 39 14.19 -20.23 -21.28
C ARG C 39 13.25 -20.40 -20.12
N TRP C 40 12.03 -20.78 -20.46
CA TRP C 40 10.97 -20.86 -19.52
C TRP C 40 10.56 -22.34 -19.48
N ASN C 41 10.75 -22.97 -18.32
CA ASN C 41 10.31 -24.34 -18.19
C ASN C 41 8.82 -24.28 -17.88
N MET C 42 8.03 -24.17 -18.93
CA MET C 42 6.63 -23.90 -18.77
C MET C 42 6.06 -25.14 -18.13
N GLN C 43 5.18 -24.96 -17.14
CA GLN C 43 4.57 -26.03 -16.32
C GLN C 43 3.06 -26.00 -16.55
N THR C 44 2.69 -26.61 -17.66
CA THR C 44 1.34 -26.69 -18.05
C THR C 44 0.44 -27.29 -16.99
N GLY C 45 -0.72 -26.69 -16.75
CA GLY C 45 -1.63 -27.21 -15.79
C GLY C 45 -1.30 -26.77 -14.38
N LYS C 46 -0.22 -26.02 -14.17
CA LYS C 46 0.13 -25.55 -12.84
C LYS C 46 0.03 -24.03 -12.86
N VAL C 47 -0.39 -23.44 -11.76
CA VAL C 47 -0.53 -21.99 -11.73
C VAL C 47 0.86 -21.34 -11.63
N GLY C 48 1.13 -20.37 -12.51
CA GLY C 48 2.43 -19.77 -12.43
C GLY C 48 2.20 -18.35 -11.94
N THR C 49 3.28 -17.74 -11.56
CA THR C 49 3.21 -16.40 -11.12
C THR C 49 4.24 -15.68 -11.85
N ALA C 50 3.86 -14.46 -12.27
CA ALA C 50 4.86 -13.65 -12.86
C ALA C 50 4.96 -12.36 -12.03
N HIS C 51 6.19 -11.93 -11.80
CA HIS C 51 6.47 -10.66 -11.18
C HIS C 51 7.32 -9.85 -12.08
N ILE C 52 6.88 -8.64 -12.32
CA ILE C 52 7.57 -7.77 -13.27
C ILE C 52 7.85 -6.48 -12.56
N SER C 53 9.03 -5.92 -12.76
CA SER C 53 9.37 -4.77 -11.99
C SER C 53 10.13 -3.86 -12.86
N TYR C 54 10.00 -2.56 -12.64
CA TYR C 54 10.88 -1.68 -13.30
C TYR C 54 11.03 -0.49 -12.42
N ASN C 55 12.18 0.16 -12.49
CA ASN C 55 12.18 1.51 -12.04
C ASN C 55 13.18 2.29 -12.77
N SER C 56 12.83 3.54 -12.92
CA SER C 56 13.53 4.35 -13.85
C SER C 56 14.89 4.74 -13.41
N VAL C 57 15.26 4.50 -12.15
CA VAL C 57 16.63 4.85 -11.85
C VAL C 57 17.46 3.66 -12.24
N ALA C 58 17.03 2.48 -11.76
CA ALA C 58 17.76 1.28 -12.10
C ALA C 58 17.65 1.04 -13.58
N LYS C 59 16.52 1.46 -14.21
CA LYS C 59 16.24 1.25 -15.63
C LYS C 59 16.42 -0.20 -16.03
N ARG C 60 15.91 -1.08 -15.22
CA ARG C 60 16.02 -2.48 -15.56
C ARG C 60 14.59 -2.99 -15.46
N LEU C 61 14.07 -3.49 -16.55
CA LEU C 61 12.79 -4.08 -16.51
C LEU C 61 13.09 -5.56 -16.33
N THR C 62 12.48 -6.17 -15.32
CA THR C 62 12.80 -7.56 -15.04
C THR C 62 11.52 -8.30 -14.83
N ALA C 63 11.55 -9.60 -15.03
CA ALA C 63 10.37 -10.38 -14.82
C ALA C 63 10.88 -11.69 -14.28
N VAL C 64 10.08 -12.27 -13.42
CA VAL C 64 10.37 -13.59 -12.92
C VAL C 64 9.12 -14.37 -13.05
N VAL C 65 9.21 -15.62 -13.50
CA VAL C 65 8.01 -16.42 -13.59
C VAL C 65 8.33 -17.64 -12.77
N SER C 66 7.46 -17.94 -11.80
CA SER C 66 7.80 -19.03 -10.89
C SER C 66 6.61 -19.92 -10.81
N TYR C 67 6.81 -21.16 -10.41
CA TYR C 67 5.67 -21.97 -10.03
C TYR C 67 6.08 -22.58 -8.73
N SER C 68 5.13 -23.07 -7.97
CA SER C 68 5.47 -23.81 -6.74
C SER C 68 5.86 -25.23 -6.91
N GLY C 69 6.82 -25.55 -7.75
CA GLY C 69 7.60 -26.78 -7.69
C GLY C 69 8.51 -26.99 -8.90
N SER C 70 8.64 -25.96 -9.85
CA SER C 70 9.93 -25.81 -10.53
C SER C 70 10.49 -24.43 -10.86
N SER C 71 10.17 -23.99 -12.12
CA SER C 71 10.55 -22.63 -12.46
C SER C 71 10.33 -21.55 -11.39
N SER C 72 11.42 -20.88 -11.01
CA SER C 72 11.84 -19.65 -11.65
C SER C 72 12.54 -19.53 -13.00
N THR C 73 12.09 -18.56 -13.81
CA THR C 73 12.86 -18.10 -14.89
C THR C 73 12.78 -16.60 -14.79
N THR C 74 13.90 -15.97 -15.06
CA THR C 74 14.02 -14.55 -14.88
C THR C 74 14.57 -13.98 -16.13
N VAL C 75 14.14 -12.76 -16.44
CA VAL C 75 14.69 -12.14 -17.61
C VAL C 75 14.70 -10.67 -17.28
N SER C 76 15.69 -9.95 -17.75
CA SER C 76 15.77 -8.56 -17.45
C SER C 76 16.28 -7.84 -18.65
N TYR C 77 16.01 -6.57 -18.66
CA TYR C 77 16.43 -5.80 -19.81
C TYR C 77 16.62 -4.40 -19.38
N ASP C 78 17.80 -3.85 -19.67
CA ASP C 78 18.01 -2.47 -19.31
C ASP C 78 17.43 -1.57 -20.34
N VAL C 79 16.51 -0.73 -19.91
CA VAL C 79 15.78 0.09 -20.81
C VAL C 79 15.29 1.24 -20.01
N ASP C 80 15.33 2.41 -20.62
CA ASP C 80 14.77 3.59 -19.99
C ASP C 80 13.39 3.72 -20.62
N LEU C 81 12.39 3.34 -19.87
CA LEU C 81 11.06 3.36 -20.44
C LEU C 81 10.51 4.75 -20.73
N THR C 82 11.06 5.80 -20.13
CA THR C 82 10.60 7.10 -20.50
C THR C 82 10.99 7.43 -21.91
N ASN C 83 11.95 6.74 -22.46
CA ASN C 83 12.31 6.98 -23.87
C ASN C 83 11.55 6.09 -24.86
N VAL C 84 10.72 5.20 -24.30
CA VAL C 84 10.03 4.24 -25.10
C VAL C 84 8.55 4.45 -25.01
N LEU C 85 8.03 4.56 -23.80
CA LEU C 85 6.60 4.67 -23.69
C LEU C 85 6.17 6.09 -23.57
N PRO C 86 4.91 6.34 -23.92
CA PRO C 86 4.37 7.67 -23.70
C PRO C 86 4.26 7.83 -22.19
N GLU C 87 4.09 9.08 -21.72
CA GLU C 87 4.02 9.28 -20.31
C GLU C 87 2.76 8.69 -19.70
N TRP C 88 1.70 8.57 -20.50
CA TRP C 88 0.48 7.95 -20.05
C TRP C 88 0.37 6.65 -20.80
N VAL C 89 0.02 5.61 -20.07
CA VAL C 89 -0.09 4.31 -20.72
C VAL C 89 -1.29 3.59 -20.12
N ARG C 90 -1.72 2.52 -20.75
CA ARG C 90 -2.58 1.58 -20.00
C ARG C 90 -1.74 0.37 -19.84
N VAL C 91 -2.03 -0.40 -18.82
CA VAL C 91 -1.32 -1.61 -18.62
C VAL C 91 -2.32 -2.73 -18.78
N GLY C 92 -1.83 -3.85 -19.23
CA GLY C 92 -2.77 -4.92 -19.60
C GLY C 92 -2.08 -6.23 -19.58
N LEU C 93 -2.88 -7.23 -19.85
CA LEU C 93 -2.38 -8.57 -20.13
C LEU C 93 -2.94 -8.91 -21.50
N SER C 94 -2.19 -9.69 -22.28
CA SER C 94 -2.73 -10.08 -23.53
C SER C 94 -2.41 -11.53 -23.58
N ALA C 95 -3.07 -12.24 -24.47
CA ALA C 95 -2.60 -13.64 -24.70
C ALA C 95 -3.17 -14.04 -26.03
N THR C 96 -2.57 -15.04 -26.63
CA THR C 96 -3.14 -15.51 -27.85
C THR C 96 -2.97 -17.03 -27.89
N THR C 97 -3.75 -17.59 -28.76
CA THR C 97 -3.54 -18.94 -29.23
C THR C 97 -3.51 -18.78 -30.74
N GLY C 98 -3.06 -19.83 -31.44
CA GLY C 98 -2.84 -19.68 -32.84
C GLY C 98 -3.40 -20.97 -33.42
N LEU C 99 -2.51 -21.70 -34.07
CA LEU C 99 -2.88 -23.01 -34.59
C LEU C 99 -2.92 -23.87 -33.39
N TYR C 100 -1.94 -23.68 -32.54
CA TYR C 100 -1.99 -24.43 -31.29
C TYR C 100 -2.52 -23.54 -30.21
N LYS C 101 -2.89 -24.16 -29.07
CA LYS C 101 -3.71 -23.43 -28.15
C LYS C 101 -3.38 -23.76 -26.72
N GLU C 102 -3.96 -22.97 -25.81
CA GLU C 102 -3.68 -23.13 -24.40
C GLU C 102 -4.62 -22.19 -23.80
N THR C 103 -4.95 -22.46 -22.54
CA THR C 103 -5.73 -21.44 -21.77
C THR C 103 -4.73 -20.41 -21.42
N ASN C 104 -5.18 -19.14 -21.33
CA ASN C 104 -4.37 -18.10 -20.84
C ASN C 104 -5.19 -17.49 -19.73
N THR C 105 -5.37 -18.27 -18.69
CA THR C 105 -6.22 -17.89 -17.63
C THR C 105 -5.44 -17.07 -16.60
N ILE C 106 -6.00 -15.96 -16.24
CA ILE C 106 -5.33 -15.16 -15.24
C ILE C 106 -6.16 -15.24 -14.02
N LEU C 107 -5.53 -15.64 -12.93
CA LEU C 107 -6.19 -15.87 -11.71
C LEU C 107 -6.11 -14.65 -10.88
N SER C 108 -5.06 -13.85 -11.04
CA SER C 108 -4.98 -12.69 -10.18
C SER C 108 -4.02 -11.78 -10.87
N TRP C 109 -4.09 -10.49 -10.59
CA TRP C 109 -3.23 -9.56 -11.26
C TRP C 109 -3.20 -8.35 -10.37
N SER C 110 -1.97 -7.89 -10.09
CA SER C 110 -1.82 -6.67 -9.31
C SER C 110 -0.80 -5.86 -10.08
N PHE C 111 -0.86 -4.56 -9.83
CA PHE C 111 0.02 -3.66 -10.42
C PHE C 111 0.14 -2.43 -9.57
N THR C 112 1.36 -1.92 -9.46
CA THR C 112 1.56 -0.67 -8.76
C THR C 112 2.46 0.18 -9.63
N SER C 113 2.07 1.43 -9.81
CA SER C 113 3.01 2.37 -10.45
C SER C 113 3.19 3.54 -9.52
N LYS C 114 4.39 4.09 -9.47
CA LYS C 114 4.57 5.26 -8.69
C LYS C 114 5.35 6.24 -9.52
N LEU C 115 5.09 7.53 -9.30
CA LEU C 115 5.93 8.58 -9.88
C LEU C 115 6.32 9.34 -8.65
N LYS C 116 7.61 9.31 -8.31
CA LYS C 116 8.03 9.78 -6.98
C LYS C 116 8.76 11.06 -7.19
N THR C 117 8.75 11.89 -6.17
CA THR C 117 9.40 13.16 -6.35
C THR C 117 9.69 13.45 -4.91
N ASN C 118 9.83 14.72 -4.59
CA ASN C 118 10.55 15.19 -3.42
C ASN C 118 9.80 15.04 -2.10
N SER C 119 9.29 13.85 -1.86
CA SER C 119 8.56 13.61 -0.65
C SER C 119 8.50 12.10 -0.46
N ILE C 120 8.25 11.66 0.78
CA ILE C 120 7.81 10.25 0.92
C ILE C 120 6.45 10.05 0.26
N ALA C 121 5.74 11.17 0.00
CA ALA C 121 4.45 11.11 -0.71
C ALA C 121 4.65 11.04 -2.22
N ASP C 122 4.23 9.94 -2.82
CA ASP C 122 4.27 9.79 -4.29
C ASP C 122 3.70 11.00 -4.93
N ALA C 123 4.28 11.43 -6.05
CA ALA C 123 3.64 12.41 -6.94
C ALA C 123 2.42 11.71 -7.48
N ASN C 124 2.56 10.39 -7.56
CA ASN C 124 1.42 9.69 -7.98
C ASN C 124 1.64 8.20 -7.76
N ALA C 125 0.55 7.53 -7.46
CA ALA C 125 0.59 6.10 -7.33
C ALA C 125 -0.69 5.62 -7.95
N LEU C 126 -0.58 4.44 -8.48
CA LEU C 126 -1.75 3.74 -8.97
C LEU C 126 -1.46 2.34 -8.60
N HIS C 127 -2.41 1.75 -7.91
CA HIS C 127 -2.27 0.34 -7.61
C HIS C 127 -3.63 -0.32 -7.84
N PHE C 128 -3.60 -1.51 -8.40
CA PHE C 128 -4.78 -2.29 -8.38
C PHE C 128 -4.41 -3.68 -8.09
N SER C 129 -5.37 -4.39 -7.51
CA SER C 129 -5.08 -5.77 -7.28
C SER C 129 -6.37 -6.53 -7.40
N PHE C 130 -6.34 -7.61 -8.18
CA PHE C 130 -7.51 -8.42 -8.38
C PHE C 130 -7.08 -9.82 -8.02
N ASN C 131 -7.76 -10.36 -7.05
CA ASN C 131 -7.42 -11.74 -6.70
C ASN C 131 -8.46 -12.60 -7.34
N GLN C 132 -9.39 -11.97 -7.99
CA GLN C 132 -10.41 -12.65 -8.77
C GLN C 132 -11.03 -11.63 -9.68
N PHE C 133 -11.67 -12.08 -10.74
CA PHE C 133 -12.26 -11.17 -11.71
C PHE C 133 -13.72 -11.38 -11.72
N THR C 134 -14.43 -10.29 -11.60
CA THR C 134 -15.84 -10.28 -11.55
C THR C 134 -16.40 -10.59 -12.92
N GLN C 135 -17.65 -11.03 -12.99
CA GLN C 135 -18.24 -11.33 -14.28
C GLN C 135 -18.38 -10.10 -15.14
N ASN C 136 -18.47 -8.94 -14.53
CA ASN C 136 -18.46 -7.77 -15.37
C ASN C 136 -17.40 -6.81 -14.83
N PRO C 137 -16.15 -7.04 -15.21
CA PRO C 137 -15.07 -6.29 -14.57
C PRO C 137 -15.06 -4.86 -15.12
N LYS C 138 -15.78 -3.92 -14.49
CA LYS C 138 -15.91 -2.58 -15.07
C LYS C 138 -14.62 -1.79 -14.99
N ASP C 139 -13.65 -2.30 -14.26
CA ASP C 139 -12.39 -1.65 -14.22
C ASP C 139 -11.39 -2.28 -15.17
N LEU C 140 -11.85 -3.14 -16.05
CA LEU C 140 -10.97 -3.70 -17.05
C LEU C 140 -11.52 -3.31 -18.38
N ILE C 141 -10.66 -3.08 -19.36
CA ILE C 141 -11.11 -3.00 -20.74
C ILE C 141 -10.78 -4.37 -21.37
N LEU C 142 -11.81 -5.16 -21.67
CA LEU C 142 -11.58 -6.49 -22.25
C LEU C 142 -11.56 -6.27 -23.74
N GLN C 143 -10.49 -6.71 -24.35
CA GLN C 143 -10.37 -6.57 -25.77
C GLN C 143 -10.32 -7.96 -26.38
N GLY C 144 -10.86 -8.09 -27.59
CA GLY C 144 -10.75 -9.36 -28.31
C GLY C 144 -11.53 -10.39 -27.56
N ASP C 145 -10.97 -11.57 -27.35
CA ASP C 145 -11.70 -12.66 -26.80
C ASP C 145 -11.72 -12.75 -25.30
N ALA C 146 -11.14 -11.77 -24.62
CA ALA C 146 -10.95 -11.87 -23.18
C ALA C 146 -12.29 -11.77 -22.49
N THR C 147 -12.49 -12.65 -21.55
CA THR C 147 -13.71 -12.61 -20.78
C THR C 147 -13.32 -13.04 -19.37
N THR C 148 -14.24 -12.88 -18.43
CA THR C 148 -14.04 -13.48 -17.14
C THR C 148 -15.03 -14.60 -17.06
N ASP C 149 -14.68 -15.60 -16.34
CA ASP C 149 -15.53 -16.74 -16.30
C ASP C 149 -16.14 -16.89 -14.95
N SER C 150 -16.79 -18.02 -14.87
CA SER C 150 -17.66 -18.18 -13.71
C SER C 150 -16.86 -18.49 -12.46
N ASP C 151 -15.63 -18.97 -12.70
CA ASP C 151 -14.72 -19.17 -11.58
C ASP C 151 -14.05 -17.88 -11.04
N GLY C 152 -14.35 -16.75 -11.63
CA GLY C 152 -13.67 -15.51 -11.19
C GLY C 152 -12.35 -15.35 -11.90
N ASN C 153 -12.17 -16.08 -13.01
CA ASN C 153 -10.88 -16.00 -13.68
C ASN C 153 -11.01 -15.17 -14.91
N LEU C 154 -9.89 -14.57 -15.31
CA LEU C 154 -9.87 -13.79 -16.52
C LEU C 154 -9.33 -14.71 -17.57
N GLU C 155 -10.15 -15.05 -18.53
CA GLU C 155 -9.74 -15.98 -19.57
C GLU C 155 -9.37 -15.09 -20.72
N LEU C 156 -8.09 -14.91 -20.94
CA LEU C 156 -7.71 -13.94 -21.94
C LEU C 156 -8.03 -14.47 -23.32
N THR C 157 -7.91 -15.77 -23.50
CA THR C 157 -8.23 -16.31 -24.76
C THR C 157 -9.39 -17.23 -24.63
N LYS C 158 -10.02 -17.47 -25.75
CA LYS C 158 -11.27 -18.24 -25.73
C LYS C 158 -11.13 -19.64 -25.17
N VAL C 159 -12.04 -20.01 -24.29
CA VAL C 159 -12.07 -21.33 -23.78
C VAL C 159 -13.47 -21.77 -23.97
N SER C 160 -13.70 -23.05 -24.29
CA SER C 160 -15.06 -23.56 -24.46
C SER C 160 -15.74 -23.54 -23.09
N SER C 161 -17.04 -23.90 -23.04
CA SER C 161 -17.71 -24.13 -21.76
C SER C 161 -16.98 -25.17 -20.96
N SER C 162 -16.39 -26.18 -21.61
CA SER C 162 -15.68 -27.16 -20.81
C SER C 162 -14.34 -26.61 -20.31
N GLY C 163 -13.90 -25.48 -20.84
CA GLY C 163 -12.65 -24.88 -20.35
C GLY C 163 -11.55 -25.25 -21.29
N SER C 164 -11.91 -25.85 -22.42
CA SER C 164 -10.91 -26.23 -23.37
C SER C 164 -10.49 -25.01 -24.18
N PRO C 165 -9.18 -24.75 -24.26
CA PRO C 165 -8.74 -23.58 -24.97
C PRO C 165 -8.98 -23.72 -26.49
N GLN C 166 -9.34 -22.63 -27.14
CA GLN C 166 -9.58 -22.64 -28.55
C GLN C 166 -8.40 -22.00 -29.22
N GLY C 167 -8.12 -22.38 -30.47
CA GLY C 167 -7.05 -21.73 -31.23
C GLY C 167 -7.45 -20.41 -31.85
N SER C 168 -6.49 -19.73 -32.47
CA SER C 168 -6.78 -18.46 -33.20
C SER C 168 -7.47 -17.42 -32.35
N SER C 169 -7.11 -17.33 -31.07
CA SER C 169 -7.83 -16.47 -30.19
C SER C 169 -6.82 -15.43 -29.73
N VAL C 170 -7.33 -14.25 -29.45
CA VAL C 170 -6.49 -13.23 -28.89
C VAL C 170 -7.37 -12.48 -27.90
N GLY C 171 -6.83 -12.09 -26.77
CA GLY C 171 -7.66 -11.31 -25.92
C GLY C 171 -6.73 -10.51 -25.08
N ARG C 172 -7.18 -9.37 -24.60
CA ARG C 172 -6.34 -8.60 -23.67
C ARG C 172 -7.26 -8.01 -22.64
N ALA C 173 -6.73 -7.62 -21.50
CA ALA C 173 -7.51 -6.97 -20.52
C ALA C 173 -6.63 -5.83 -20.11
N LEU C 174 -7.13 -4.61 -20.28
CA LEU C 174 -6.39 -3.43 -19.79
C LEU C 174 -7.01 -2.92 -18.52
N PHE C 175 -6.16 -2.49 -17.62
CA PHE C 175 -6.77 -1.81 -16.50
C PHE C 175 -7.42 -0.53 -17.04
N TYR C 176 -8.51 -0.15 -16.43
CA TYR C 176 -9.35 0.88 -17.02
C TYR C 176 -8.62 2.21 -16.97
N ALA C 177 -8.01 2.53 -15.86
CA ALA C 177 -7.33 3.83 -15.79
C ALA C 177 -5.99 3.85 -16.44
N PRO C 178 -5.77 4.88 -17.22
CA PRO C 178 -4.47 5.19 -17.69
C PRO C 178 -3.58 5.34 -16.46
N VAL C 179 -2.29 5.15 -16.68
CA VAL C 179 -1.33 5.16 -15.60
C VAL C 179 -0.32 6.16 -16.14
N HIS C 180 0.13 7.04 -15.27
CA HIS C 180 1.05 8.01 -15.66
C HIS C 180 2.36 7.37 -15.30
N ILE C 181 3.02 6.82 -16.31
CA ILE C 181 4.05 5.83 -16.04
C ILE C 181 5.33 6.55 -15.94
N TRP C 182 5.42 7.75 -16.53
CA TRP C 182 6.50 8.69 -16.28
C TRP C 182 6.09 10.10 -16.53
N GLU C 183 6.97 11.01 -16.18
CA GLU C 183 6.59 12.36 -16.22
C GLU C 183 7.91 13.10 -16.13
N SER C 184 8.03 14.08 -17.02
CA SER C 184 9.16 14.94 -17.21
C SER C 184 9.85 15.29 -15.88
N SER C 185 9.10 15.61 -14.84
CA SER C 185 9.82 16.07 -13.66
C SER C 185 9.78 15.06 -12.53
N ALA C 186 9.37 13.83 -12.79
CA ALA C 186 9.36 12.86 -11.71
C ALA C 186 10.80 12.47 -11.43
N VAL C 187 11.10 12.26 -10.19
CA VAL C 187 12.44 11.89 -9.88
C VAL C 187 12.63 10.38 -10.24
N VAL C 188 11.60 9.59 -10.01
CA VAL C 188 11.76 8.18 -10.24
C VAL C 188 10.38 7.73 -10.59
N ALA C 189 10.27 6.84 -11.57
CA ALA C 189 8.99 6.24 -11.81
C ALA C 189 9.26 4.75 -11.68
N SER C 190 8.30 4.02 -11.13
CA SER C 190 8.53 2.60 -11.02
C SER C 190 7.19 1.90 -11.19
N PHE C 191 7.22 0.65 -11.57
CA PHE C 191 6.00 -0.10 -11.54
C PHE C 191 6.36 -1.51 -11.19
N ASP C 192 5.40 -2.21 -10.57
CA ASP C 192 5.58 -3.62 -10.40
C ASP C 192 4.26 -4.20 -10.78
N ALA C 193 4.27 -5.42 -11.27
CA ALA C 193 3.07 -6.09 -11.67
C ALA C 193 3.36 -7.50 -11.27
N THR C 194 2.31 -8.14 -10.81
CA THR C 194 2.31 -9.57 -10.54
C THR C 194 1.04 -10.14 -11.14
N PHE C 195 1.13 -11.33 -11.75
CA PHE C 195 -0.12 -11.97 -12.00
C PHE C 195 0.11 -13.47 -11.91
N THR C 196 -0.94 -14.15 -11.62
CA THR C 196 -0.87 -15.62 -11.66
C THR C 196 -1.68 -16.07 -12.81
N PHE C 197 -1.26 -17.19 -13.39
CA PHE C 197 -1.86 -17.58 -14.62
C PHE C 197 -1.88 -19.05 -14.64
N LEU C 198 -2.79 -19.56 -15.44
CA LEU C 198 -2.87 -21.02 -15.55
C LEU C 198 -2.99 -21.27 -17.03
N ILE C 199 -2.00 -21.95 -17.54
CA ILE C 199 -1.98 -22.35 -18.88
C ILE C 199 -2.20 -23.86 -18.89
N LYS C 200 -3.27 -24.28 -19.52
CA LYS C 200 -3.57 -25.67 -19.65
C LYS C 200 -3.60 -25.85 -21.17
N SER C 201 -3.25 -27.03 -21.66
CA SER C 201 -3.43 -27.21 -23.07
C SER C 201 -3.52 -28.67 -23.37
N PRO C 202 -4.35 -29.02 -24.36
CA PRO C 202 -4.33 -30.39 -24.77
C PRO C 202 -3.34 -30.54 -25.92
N ASP C 203 -2.62 -29.47 -26.30
CA ASP C 203 -1.63 -29.63 -27.39
C ASP C 203 -0.27 -30.13 -26.96
N SER C 204 0.41 -30.85 -27.85
CA SER C 204 1.79 -31.26 -27.57
C SER C 204 2.66 -30.01 -27.37
N GLU C 205 2.42 -29.01 -28.22
CA GLU C 205 3.13 -27.75 -28.06
C GLU C 205 2.07 -26.68 -27.98
N PRO C 206 1.76 -26.30 -26.78
CA PRO C 206 0.83 -25.21 -26.52
C PRO C 206 1.33 -23.94 -27.16
N ALA C 207 0.38 -23.09 -27.49
CA ALA C 207 0.70 -21.81 -28.03
C ALA C 207 -0.45 -20.89 -27.60
N ASP C 208 -0.26 -19.59 -27.71
CA ASP C 208 1.00 -19.03 -28.07
C ASP C 208 1.69 -18.33 -26.95
N GLY C 209 0.92 -17.66 -26.11
CA GLY C 209 1.54 -16.95 -25.01
C GLY C 209 0.64 -15.91 -24.39
N ILE C 210 1.16 -15.33 -23.36
CA ILE C 210 0.47 -14.40 -22.56
C ILE C 210 1.47 -13.33 -22.20
N THR C 211 1.02 -12.11 -22.07
CA THR C 211 1.95 -11.06 -21.68
C THR C 211 1.31 -10.17 -20.70
N PHE C 212 2.16 -9.42 -20.00
CA PHE C 212 1.75 -8.22 -19.33
C PHE C 212 2.39 -7.16 -20.21
N PHE C 213 1.64 -6.10 -20.46
CA PHE C 213 2.19 -5.13 -21.37
C PHE C 213 1.73 -3.76 -20.95
N ILE C 214 2.47 -2.78 -21.45
CA ILE C 214 2.23 -1.42 -21.14
C ILE C 214 2.22 -0.76 -22.49
N ALA C 215 1.25 0.12 -22.71
CA ALA C 215 1.06 0.58 -24.02
C ALA C 215 0.45 1.98 -23.98
N ASN C 216 0.42 2.62 -25.13
CA ASN C 216 -0.36 3.80 -25.25
C ASN C 216 -1.79 3.54 -24.77
N THR C 217 -2.43 4.56 -24.22
CA THR C 217 -3.63 4.33 -23.50
C THR C 217 -4.71 3.84 -24.38
N ASP C 218 -4.62 4.18 -25.67
CA ASP C 218 -5.65 3.84 -26.58
C ASP C 218 -5.26 2.56 -27.36
N THR C 219 -4.40 1.73 -26.75
CA THR C 219 -3.94 0.51 -27.38
C THR C 219 -5.10 -0.37 -27.67
N SER C 220 -5.05 -1.06 -28.80
CA SER C 220 -6.09 -1.96 -29.24
C SER C 220 -5.34 -3.14 -29.80
N ILE C 221 -6.00 -4.28 -29.91
CA ILE C 221 -5.36 -5.43 -30.53
C ILE C 221 -5.11 -5.13 -31.98
N PRO C 222 -3.85 -5.12 -32.38
CA PRO C 222 -3.48 -4.84 -33.76
C PRO C 222 -4.13 -5.90 -34.60
N SER C 223 -4.66 -5.48 -35.73
CA SER C 223 -5.14 -6.47 -36.64
C SER C 223 -3.89 -7.31 -37.01
N GLY C 224 -4.04 -8.59 -37.10
CA GLY C 224 -2.94 -9.39 -37.59
C GLY C 224 -2.04 -9.75 -36.40
N SER C 225 -2.54 -9.51 -35.17
CA SER C 225 -1.68 -9.80 -34.00
C SER C 225 -1.98 -11.13 -33.32
N SER C 226 -2.73 -12.01 -33.95
CA SER C 226 -3.08 -13.21 -33.23
C SER C 226 -1.78 -14.12 -33.18
N GLY C 227 -1.88 -15.33 -32.65
CA GLY C 227 -0.80 -16.28 -32.68
C GLY C 227 0.50 -15.72 -32.11
N ARG C 228 1.56 -15.83 -32.88
CA ARG C 228 2.81 -15.51 -32.33
C ARG C 228 2.95 -14.03 -32.03
N LEU C 229 2.01 -13.19 -32.48
CA LEU C 229 2.18 -11.74 -32.15
C LEU C 229 1.59 -11.33 -30.82
N LEU C 230 0.99 -12.32 -30.14
CA LEU C 230 0.62 -12.27 -28.72
C LEU C 230 -0.37 -11.15 -28.50
N GLY C 231 -1.06 -10.69 -29.56
CA GLY C 231 -2.07 -9.66 -29.35
C GLY C 231 -1.45 -8.31 -29.21
N LEU C 232 -0.16 -8.18 -29.40
CA LEU C 232 0.47 -6.90 -29.12
C LEU C 232 0.94 -6.13 -30.34
N PHE C 233 1.35 -6.85 -31.37
CA PHE C 233 2.06 -6.18 -32.49
C PHE C 233 1.42 -6.52 -33.78
N PRO C 234 1.53 -5.58 -34.74
CA PRO C 234 0.79 -5.76 -35.98
C PRO C 234 1.63 -6.64 -36.89
N ASP C 235 2.91 -6.83 -36.58
CA ASP C 235 3.78 -7.64 -37.45
C ASP C 235 4.93 -8.09 -36.63
N ALA C 236 5.84 -8.80 -37.26
CA ALA C 236 6.99 -9.39 -36.57
C ALA C 236 8.25 -8.56 -36.64
N ASN C 237 8.09 -7.27 -36.95
CA ASN C 237 9.26 -6.46 -37.12
C ASN C 237 10.01 -6.36 -35.81
N ALA D 1 -31.79 9.16 -12.27
CA ALA D 1 -30.84 10.05 -11.64
C ALA D 1 -29.62 9.20 -11.20
N ASP D 2 -28.56 9.89 -10.90
CA ASP D 2 -27.38 9.27 -10.35
C ASP D 2 -27.70 8.83 -8.97
N THR D 3 -26.84 8.03 -8.36
CA THR D 3 -27.00 7.71 -6.96
C THR D 3 -25.72 8.23 -6.36
N ILE D 4 -25.85 9.07 -5.37
CA ILE D 4 -24.71 9.79 -4.83
C ILE D 4 -24.59 9.63 -3.36
N VAL D 5 -23.35 9.35 -2.94
CA VAL D 5 -23.09 9.42 -1.56
C VAL D 5 -21.95 10.41 -1.58
N ALA D 6 -21.98 11.34 -0.67
CA ALA D 6 -20.85 12.31 -0.72
C ALA D 6 -20.51 12.80 0.64
N VAL D 7 -19.28 13.27 0.76
CA VAL D 7 -18.90 14.08 1.88
C VAL D 7 -18.76 15.48 1.32
N GLU D 8 -19.60 16.35 1.83
CA GLU D 8 -19.58 17.73 1.43
C GLU D 8 -18.84 18.63 2.38
N LEU D 9 -18.05 19.49 1.75
CA LEU D 9 -17.38 20.52 2.48
C LEU D 9 -18.12 21.74 2.02
N ASP D 10 -19.07 22.14 2.83
CA ASP D 10 -20.12 23.06 2.35
C ASP D 10 -19.85 24.42 2.94
N SER D 11 -19.33 25.33 2.08
CA SER D 11 -18.90 26.65 2.54
C SER D 11 -20.07 27.52 2.85
N TYR D 12 -21.21 27.28 2.23
CA TYR D 12 -22.21 28.35 2.19
C TYR D 12 -23.55 27.81 2.78
N PRO D 13 -24.11 28.51 3.77
CA PRO D 13 -25.29 27.95 4.39
C PRO D 13 -26.52 28.24 3.59
N ASN D 14 -27.04 27.26 2.86
CA ASN D 14 -28.29 27.39 2.17
C ASN D 14 -29.34 26.86 3.13
N THR D 15 -29.78 27.67 4.08
CA THR D 15 -30.66 27.17 5.15
C THR D 15 -31.97 26.78 4.56
N ASP D 16 -32.15 27.34 3.39
CA ASP D 16 -33.19 27.14 2.46
C ASP D 16 -33.44 25.65 2.16
N ILE D 17 -32.35 24.92 2.02
CA ILE D 17 -32.42 23.52 1.67
C ILE D 17 -31.77 22.72 2.81
N GLY D 18 -31.93 23.18 4.03
CA GLY D 18 -31.49 22.33 5.13
C GLY D 18 -30.10 22.42 5.66
N ASP D 19 -29.29 23.35 5.13
CA ASP D 19 -27.96 23.50 5.64
C ASP D 19 -28.10 24.11 6.97
N PRO D 20 -27.18 23.76 7.84
CA PRO D 20 -27.05 24.57 8.97
C PRO D 20 -26.62 25.97 8.66
N SER D 21 -26.75 26.85 9.62
CA SER D 21 -26.46 28.21 9.28
C SER D 21 -24.96 28.52 9.25
N TYR D 22 -24.08 27.57 9.04
CA TYR D 22 -22.72 27.98 9.08
C TYR D 22 -22.07 27.04 8.08
N PRO D 23 -20.85 27.31 7.73
CA PRO D 23 -20.12 26.36 6.86
C PRO D 23 -20.03 25.05 7.64
N HIS D 24 -20.05 23.95 6.93
CA HIS D 24 -20.23 22.72 7.67
C HIS D 24 -19.69 21.69 6.72
N ILE D 25 -19.41 20.54 7.27
CA ILE D 25 -19.22 19.40 6.44
C ILE D 25 -20.36 18.47 6.67
N GLY D 26 -20.55 17.58 5.72
CA GLY D 26 -21.79 16.80 5.81
C GLY D 26 -21.59 15.52 5.11
N ILE D 27 -22.41 14.57 5.48
CA ILE D 27 -22.40 13.31 4.77
C ILE D 27 -23.76 13.24 4.07
N ASP D 28 -23.69 13.06 2.78
CA ASP D 28 -24.86 13.22 1.92
C ASP D 28 -25.09 11.87 1.33
N ILE D 29 -26.28 11.37 1.55
CA ILE D 29 -26.63 10.08 1.01
C ILE D 29 -27.92 10.27 0.21
N LYS D 30 -27.75 10.34 -1.10
CA LYS D 30 -28.84 10.48 -2.03
C LYS D 30 -29.59 11.76 -1.92
N SER D 31 -29.04 12.73 -1.18
CA SER D 31 -29.71 14.02 -1.10
C SER D 31 -28.64 14.99 -0.77
N ILE D 32 -28.82 16.22 -1.19
CA ILE D 32 -27.93 17.27 -0.82
C ILE D 32 -28.19 17.57 0.64
N ARG D 33 -29.33 17.14 1.17
CA ARG D 33 -29.65 17.51 2.57
C ARG D 33 -28.97 16.51 3.43
N SER D 34 -27.89 16.95 4.08
CA SER D 34 -27.00 16.02 4.64
C SER D 34 -27.62 15.19 5.74
N LYS D 35 -27.26 13.90 5.82
CA LYS D 35 -27.82 13.06 6.90
C LYS D 35 -27.18 13.47 8.19
N SER D 36 -25.98 14.05 8.06
CA SER D 36 -25.32 14.49 9.23
C SER D 36 -24.39 15.59 8.85
N THR D 37 -24.26 16.53 9.75
CA THR D 37 -23.34 17.63 9.44
C THR D 37 -22.59 17.95 10.67
N ALA D 38 -21.51 18.67 10.47
CA ALA D 38 -20.76 19.25 11.59
C ALA D 38 -20.33 20.63 11.24
N ARG D 39 -20.33 21.49 12.23
CA ARG D 39 -19.84 22.80 11.91
C ARG D 39 -18.38 22.73 11.45
N TRP D 40 -18.10 23.47 10.38
CA TRP D 40 -16.81 23.45 9.80
C TRP D 40 -16.22 24.87 9.91
N ASN D 41 -15.11 25.00 10.65
CA ASN D 41 -14.47 26.32 10.85
C ASN D 41 -13.57 26.55 9.68
N MET D 42 -14.21 26.85 8.58
CA MET D 42 -13.57 26.85 7.29
C MET D 42 -12.50 27.94 7.37
N GLN D 43 -11.37 27.74 6.73
CA GLN D 43 -10.41 28.83 6.68
C GLN D 43 -9.98 29.09 5.27
N THR D 44 -10.36 30.21 4.66
CA THR D 44 -9.93 30.40 3.29
C THR D 44 -8.46 30.68 3.23
N GLY D 45 -7.87 30.35 2.10
CA GLY D 45 -6.47 30.62 1.90
C GLY D 45 -5.53 29.67 2.59
N LYS D 46 -6.01 28.67 3.33
CA LYS D 46 -5.15 27.74 4.05
C LYS D 46 -5.51 26.37 3.51
N VAL D 47 -4.50 25.55 3.31
CA VAL D 47 -4.75 24.23 2.73
C VAL D 47 -5.47 23.37 3.77
N GLY D 48 -6.61 22.79 3.39
CA GLY D 48 -7.28 21.83 4.32
C GLY D 48 -7.07 20.39 3.90
N THR D 49 -7.32 19.46 4.82
CA THR D 49 -7.15 18.09 4.44
C THR D 49 -8.43 17.46 4.87
N ALA D 50 -9.00 16.67 3.96
CA ALA D 50 -10.18 15.87 4.29
C ALA D 50 -9.72 14.42 4.25
N HIS D 51 -10.13 13.63 5.23
CA HIS D 51 -9.92 12.19 5.18
C HIS D 51 -11.28 11.59 5.33
N ILE D 52 -11.59 10.65 4.49
CA ILE D 52 -12.95 10.07 4.46
C ILE D 52 -12.74 8.59 4.49
N SER D 53 -13.51 7.88 5.31
CA SER D 53 -13.25 6.50 5.39
C SER D 53 -14.53 5.79 5.60
N TYR D 54 -14.53 4.55 5.15
CA TYR D 54 -15.71 3.76 5.39
C TYR D 54 -15.26 2.32 5.36
N ASN D 55 -15.88 1.49 6.16
CA ASN D 55 -15.80 0.07 5.84
C ASN D 55 -17.11 -0.56 6.07
N SER D 56 -17.35 -1.61 5.33
CA SER D 56 -18.70 -2.09 5.22
C SER D 56 -19.09 -2.83 6.46
N VAL D 57 -18.15 -3.11 7.34
CA VAL D 57 -18.46 -3.81 8.57
C VAL D 57 -19.00 -2.84 9.59
N ALA D 58 -18.23 -1.79 9.81
CA ALA D 58 -18.63 -0.69 10.67
C ALA D 58 -19.80 0.07 10.09
N LYS D 59 -19.81 0.21 8.75
CA LYS D 59 -20.88 0.81 8.01
C LYS D 59 -20.98 2.24 8.49
N ARG D 60 -19.85 2.81 8.77
CA ARG D 60 -19.83 4.14 9.29
C ARG D 60 -19.05 5.01 8.31
N LEU D 61 -19.70 5.90 7.59
CA LEU D 61 -18.95 6.77 6.70
C LEU D 61 -18.51 7.99 7.52
N THR D 62 -17.21 8.24 7.59
CA THR D 62 -16.73 9.34 8.40
C THR D 62 -15.88 10.26 7.61
N ALA D 63 -15.80 11.50 8.04
CA ALA D 63 -14.93 12.46 7.36
C ALA D 63 -14.36 13.34 8.43
N VAL D 64 -13.13 13.75 8.23
CA VAL D 64 -12.62 14.75 9.14
C VAL D 64 -12.02 15.69 8.22
N VAL D 65 -12.09 16.98 8.55
CA VAL D 65 -11.47 17.98 7.73
C VAL D 65 -10.60 18.78 8.68
N SER D 66 -9.36 19.07 8.32
CA SER D 66 -8.52 19.76 9.29
C SER D 66 -7.68 20.72 8.51
N TYR D 67 -7.19 21.70 9.22
CA TYR D 67 -6.10 22.50 8.75
C TYR D 67 -5.03 22.38 9.85
N SER D 68 -3.79 22.42 9.44
CA SER D 68 -2.75 22.41 10.46
C SER D 68 -3.13 23.53 11.40
N GLY D 69 -3.16 23.23 12.68
CA GLY D 69 -2.79 24.19 13.69
C GLY D 69 -4.22 24.43 14.21
N SER D 70 -5.20 23.71 13.65
CA SER D 70 -6.59 23.96 14.07
C SER D 70 -7.31 22.70 14.44
N SER D 71 -8.37 22.81 15.23
CA SER D 71 -9.20 21.66 15.56
C SER D 71 -9.89 21.12 14.31
N SER D 72 -9.98 19.82 14.20
CA SER D 72 -10.58 19.23 13.00
C SER D 72 -12.12 19.22 13.15
N THR D 73 -12.84 19.05 12.05
CA THR D 73 -14.27 18.93 12.16
C THR D 73 -14.47 17.52 11.68
N THR D 74 -15.30 16.78 12.38
CA THR D 74 -15.50 15.37 12.01
C THR D 74 -16.99 15.24 11.80
N VAL D 75 -17.39 14.35 10.89
CA VAL D 75 -18.79 14.02 10.85
C VAL D 75 -18.80 12.55 10.44
N SER D 76 -19.78 11.81 10.90
CA SER D 76 -19.86 10.40 10.52
C SER D 76 -21.32 10.11 10.36
N TYR D 77 -21.61 9.04 9.64
CA TYR D 77 -22.99 8.69 9.47
C TYR D 77 -22.99 7.21 9.23
N ASP D 78 -23.88 6.49 9.90
CA ASP D 78 -23.94 5.05 9.65
C ASP D 78 -24.80 4.78 8.49
N VAL D 79 -24.20 4.10 7.51
CA VAL D 79 -24.92 3.75 6.32
C VAL D 79 -24.23 2.59 5.68
N ASP D 80 -25.06 1.65 5.25
CA ASP D 80 -24.57 0.52 4.54
C ASP D 80 -24.52 0.94 3.08
N LEU D 81 -23.32 1.31 2.62
CA LEU D 81 -23.26 1.90 1.32
C LEU D 81 -23.58 0.93 0.26
N THR D 82 -23.33 -0.33 0.53
CA THR D 82 -23.64 -1.26 -0.48
C THR D 82 -25.16 -1.34 -0.74
N ASN D 83 -25.99 -0.92 0.20
CA ASN D 83 -27.42 -0.95 -0.06
C ASN D 83 -27.88 0.37 -0.66
N VAL D 84 -26.96 1.29 -0.85
CA VAL D 84 -27.29 2.58 -1.47
C VAL D 84 -26.69 2.62 -2.86
N LEU D 85 -25.43 2.27 -2.98
CA LEU D 85 -24.69 2.44 -4.24
C LEU D 85 -24.70 1.13 -4.98
N PRO D 86 -24.54 1.19 -6.29
CA PRO D 86 -24.34 -0.01 -7.05
C PRO D 86 -23.01 -0.65 -6.73
N GLU D 87 -22.82 -1.86 -7.24
CA GLU D 87 -21.65 -2.61 -6.93
C GLU D 87 -20.40 -1.95 -7.45
N TRP D 88 -20.53 -1.23 -8.58
CA TRP D 88 -19.46 -0.52 -9.24
C TRP D 88 -19.83 0.95 -9.15
N VAL D 89 -18.86 1.74 -8.74
CA VAL D 89 -19.08 3.16 -8.63
C VAL D 89 -17.90 3.86 -9.26
N ARG D 90 -18.04 5.15 -9.42
CA ARG D 90 -16.83 5.91 -9.56
C ARG D 90 -16.74 6.85 -8.40
N VAL D 91 -15.52 7.29 -8.13
CA VAL D 91 -15.38 8.14 -7.03
C VAL D 91 -14.84 9.41 -7.64
N GLY D 92 -15.15 10.49 -6.95
CA GLY D 92 -14.82 11.74 -7.55
C GLY D 92 -14.85 12.88 -6.60
N LEU D 93 -14.43 14.03 -7.11
CA LEU D 93 -14.57 15.23 -6.29
C LEU D 93 -15.48 16.14 -7.06
N SER D 94 -16.33 16.87 -6.38
CA SER D 94 -17.14 17.81 -7.12
C SER D 94 -16.96 19.17 -6.42
N ALA D 95 -17.33 20.23 -7.11
CA ALA D 95 -17.31 21.54 -6.45
C ALA D 95 -18.19 22.46 -7.22
N THR D 96 -18.73 23.44 -6.52
CA THR D 96 -19.45 24.41 -7.30
C THR D 96 -19.18 25.75 -6.68
N THR D 97 -19.45 26.75 -7.50
CA THR D 97 -19.60 28.09 -6.96
C THR D 97 -20.96 28.55 -7.49
N GLY D 98 -21.51 29.66 -6.97
CA GLY D 98 -22.76 30.09 -7.53
C GLY D 98 -22.72 31.58 -7.67
N LEU D 99 -23.70 32.21 -7.03
CA LEU D 99 -23.71 33.65 -6.90
C LEU D 99 -22.49 34.03 -6.05
N TYR D 100 -22.11 33.18 -5.09
CA TYR D 100 -20.89 33.47 -4.35
C TYR D 100 -19.91 32.43 -4.75
N LYS D 101 -18.62 32.64 -4.42
CA LYS D 101 -17.67 31.79 -5.14
C LYS D 101 -16.50 31.52 -4.27
N GLU D 102 -15.65 30.61 -4.72
CA GLU D 102 -14.46 30.29 -4.02
C GLU D 102 -13.68 29.43 -4.97
N THR D 103 -12.39 29.27 -4.71
CA THR D 103 -11.70 28.30 -5.51
C THR D 103 -12.06 26.97 -4.85
N ASN D 104 -11.99 25.93 -5.63
CA ASN D 104 -12.19 24.62 -5.07
C ASN D 104 -11.05 23.79 -5.56
N THR D 105 -9.89 24.07 -5.00
CA THR D 105 -8.67 23.66 -5.60
C THR D 105 -8.25 22.44 -4.90
N ILE D 106 -7.98 21.40 -5.61
CA ILE D 106 -7.60 20.16 -4.93
C ILE D 106 -6.13 20.08 -5.22
N LEU D 107 -5.38 19.96 -4.14
CA LEU D 107 -3.95 19.85 -4.30
C LEU D 107 -3.47 18.41 -4.35
N SER D 108 -4.20 17.50 -3.71
CA SER D 108 -3.77 16.14 -3.73
C SER D 108 -5.00 15.37 -3.48
N TRP D 109 -4.97 14.09 -3.82
CA TRP D 109 -6.15 13.34 -3.55
C TRP D 109 -5.62 11.92 -3.58
N SER D 110 -5.99 11.13 -2.59
CA SER D 110 -5.68 9.70 -2.67
C SER D 110 -6.91 8.94 -2.30
N PHE D 111 -6.93 7.70 -2.72
CA PHE D 111 -8.09 6.94 -2.47
C PHE D 111 -7.66 5.50 -2.46
N THR D 112 -8.28 4.71 -1.59
CA THR D 112 -7.90 3.30 -1.61
C THR D 112 -9.20 2.63 -1.33
N SER D 113 -9.49 1.58 -2.09
CA SER D 113 -10.65 0.82 -1.78
C SER D 113 -10.19 -0.62 -1.75
N LYS D 114 -10.95 -1.44 -1.02
CA LYS D 114 -10.66 -2.81 -0.95
C LYS D 114 -11.99 -3.50 -0.98
N LEU D 115 -11.98 -4.67 -1.61
CA LEU D 115 -13.20 -5.45 -1.67
C LEU D 115 -12.75 -6.87 -1.44
N LYS D 116 -13.17 -7.39 -0.28
CA LYS D 116 -12.76 -8.77 0.06
C LYS D 116 -14.00 -9.62 -0.02
N THR D 117 -13.85 -10.69 -0.78
CA THR D 117 -14.92 -11.59 -1.09
C THR D 117 -14.57 -12.87 -0.28
N ASN D 118 -15.54 -13.74 0.01
CA ASN D 118 -15.29 -14.72 1.10
C ASN D 118 -14.33 -15.83 0.70
N SER D 119 -14.40 -16.20 -0.57
CA SER D 119 -13.67 -17.33 -1.12
C SER D 119 -12.28 -16.92 -1.58
N ILE D 120 -11.99 -15.72 -1.87
CA ILE D 120 -10.61 -15.38 -2.24
C ILE D 120 -9.96 -14.93 -0.96
N ALA D 121 -8.45 -15.20 -0.69
CA ALA D 121 -7.52 -14.32 -0.04
C ALA D 121 -7.21 -13.25 -1.05
N ASP D 122 -6.33 -12.44 -0.55
CA ASP D 122 -6.50 -11.03 -0.55
C ASP D 122 -7.70 -10.43 -1.23
N ALA D 123 -8.33 -9.34 -0.93
CA ALA D 123 -9.12 -8.14 -1.28
C ALA D 123 -8.55 -7.43 -2.37
N ASN D 124 -9.45 -7.43 -3.46
CA ASN D 124 -9.19 -6.66 -4.64
C ASN D 124 -8.93 -5.32 -4.10
N ALA D 125 -8.16 -4.52 -4.80
CA ALA D 125 -7.92 -3.26 -4.24
C ALA D 125 -7.74 -2.29 -5.35
N LEU D 126 -7.96 -1.03 -5.03
CA LEU D 126 -7.62 0.00 -5.98
C LEU D 126 -7.07 1.11 -5.13
N HIS D 127 -5.95 1.63 -5.53
CA HIS D 127 -5.43 2.79 -4.89
C HIS D 127 -4.98 3.76 -5.93
N PHE D 128 -5.23 5.06 -5.70
CA PHE D 128 -4.57 6.02 -6.50
C PHE D 128 -4.20 7.14 -5.58
N SER D 129 -3.10 7.79 -5.91
CA SER D 129 -2.67 8.91 -5.14
C SER D 129 -2.14 9.96 -6.09
N PHE D 130 -2.59 11.20 -5.90
CA PHE D 130 -2.03 12.31 -6.69
C PHE D 130 -1.53 13.30 -5.69
N ASN D 131 -0.23 13.65 -5.73
CA ASN D 131 0.21 14.79 -4.88
C ASN D 131 0.21 15.98 -5.78
N GLN D 132 -0.01 15.77 -7.07
CA GLN D 132 -0.14 16.90 -7.98
C GLN D 132 -0.88 16.35 -9.19
N PHE D 133 -1.34 17.21 -10.06
CA PHE D 133 -2.14 16.75 -11.14
C PHE D 133 -1.48 17.17 -12.39
N THR D 134 -1.48 16.27 -13.33
CA THR D 134 -0.96 16.62 -14.63
C THR D 134 -1.86 17.63 -15.35
N GLN D 135 -1.51 18.22 -16.69
CA GLN D 135 -2.22 19.08 -17.64
C GLN D 135 -3.19 18.27 -18.49
N ASN D 136 -2.59 17.08 -18.22
CA ASN D 136 -3.60 16.31 -18.90
C ASN D 136 -3.84 15.05 -18.10
N PRO D 137 -4.72 15.15 -17.12
CA PRO D 137 -4.81 14.03 -16.21
C PRO D 137 -5.65 12.95 -16.83
N LYS D 138 -5.01 12.03 -17.57
CA LYS D 138 -5.76 11.11 -18.39
C LYS D 138 -6.53 10.08 -17.55
N ASP D 139 -6.17 10.03 -16.30
CA ASP D 139 -6.83 9.10 -15.39
C ASP D 139 -7.92 9.80 -14.61
N LEU D 140 -8.26 11.03 -15.00
CA LEU D 140 -9.44 11.69 -14.44
C LEU D 140 -10.45 11.96 -15.47
N ILE D 141 -11.69 11.80 -15.09
CA ILE D 141 -12.81 12.21 -15.92
C ILE D 141 -13.15 13.58 -15.39
N LEU D 142 -12.81 14.61 -16.14
CA LEU D 142 -13.12 15.96 -15.74
C LEU D 142 -14.44 16.31 -16.31
N GLN D 143 -15.36 16.70 -15.43
CA GLN D 143 -16.69 17.07 -15.80
C GLN D 143 -16.87 18.52 -15.53
N GLY D 144 -17.68 19.12 -16.36
CA GLY D 144 -18.04 20.49 -16.11
C GLY D 144 -16.80 21.33 -16.27
N ASP D 145 -16.59 22.21 -15.31
CA ASP D 145 -15.49 23.19 -15.36
C ASP D 145 -14.16 22.70 -14.87
N ALA D 146 -14.11 21.49 -14.37
CA ALA D 146 -12.92 21.05 -13.69
C ALA D 146 -11.79 20.99 -14.66
N THR D 147 -10.64 21.49 -14.20
CA THR D 147 -9.48 21.34 -15.05
C THR D 147 -8.32 21.30 -14.11
N THR D 148 -7.15 20.96 -14.63
CA THR D 148 -5.93 21.16 -13.83
C THR D 148 -5.20 22.40 -14.32
N ASP D 149 -4.57 23.09 -13.40
CA ASP D 149 -3.88 24.32 -13.77
C ASP D 149 -2.41 24.18 -13.92
N SER D 150 -1.74 25.28 -14.26
CA SER D 150 -0.27 25.24 -14.45
C SER D 150 0.46 24.70 -13.26
N ASP D 151 -0.10 24.88 -12.07
CA ASP D 151 0.60 24.61 -10.83
C ASP D 151 0.47 23.13 -10.48
N GLY D 152 -0.28 22.39 -11.25
CA GLY D 152 -0.46 20.95 -10.97
C GLY D 152 -1.65 20.74 -10.05
N ASN D 153 -2.53 21.76 -9.94
CA ASN D 153 -3.67 21.63 -9.06
C ASN D 153 -4.89 21.37 -9.83
N LEU D 154 -5.80 20.65 -9.20
CA LEU D 154 -7.04 20.34 -9.84
C LEU D 154 -8.01 21.39 -9.39
N GLU D 155 -8.43 22.23 -10.31
CA GLU D 155 -9.37 23.32 -9.97
C GLU D 155 -10.73 22.81 -10.33
N LEU D 156 -11.49 22.40 -9.33
CA LEU D 156 -12.73 21.79 -9.70
C LEU D 156 -13.69 22.82 -10.32
N THR D 157 -13.59 24.03 -9.85
CA THR D 157 -14.41 25.10 -10.38
C THR D 157 -13.50 26.10 -11.04
N LYS D 158 -14.09 26.84 -11.96
CA LYS D 158 -13.33 27.70 -12.80
C LYS D 158 -12.59 28.74 -12.01
N VAL D 159 -11.33 28.92 -12.37
CA VAL D 159 -10.58 29.99 -11.76
C VAL D 159 -9.97 30.73 -12.96
N SER D 160 -9.65 31.96 -12.73
CA SER D 160 -9.04 32.69 -13.82
C SER D 160 -7.60 32.26 -14.03
N SER D 161 -6.95 32.88 -15.01
CA SER D 161 -5.53 32.63 -15.15
C SER D 161 -4.74 32.84 -13.91
N SER D 162 -5.08 33.86 -13.12
CA SER D 162 -4.32 34.16 -11.91
C SER D 162 -4.87 33.37 -10.73
N GLY D 163 -5.86 32.57 -11.03
CA GLY D 163 -6.39 31.65 -10.01
C GLY D 163 -7.53 32.20 -9.19
N SER D 164 -8.21 33.21 -9.72
CA SER D 164 -9.26 33.85 -8.98
C SER D 164 -10.55 33.11 -9.34
N PRO D 165 -11.37 32.81 -8.32
CA PRO D 165 -12.49 31.89 -8.61
C PRO D 165 -13.59 32.63 -9.33
N GLN D 166 -14.25 31.92 -10.20
CA GLN D 166 -15.42 32.36 -10.90
C GLN D 166 -16.66 31.82 -10.29
N GLY D 167 -17.72 32.58 -10.42
CA GLY D 167 -19.06 32.23 -9.93
C GLY D 167 -19.70 31.25 -10.88
N SER D 168 -20.80 30.67 -10.44
CA SER D 168 -21.69 29.82 -11.25
C SER D 168 -20.87 28.77 -11.97
N SER D 169 -19.95 28.12 -11.25
CA SER D 169 -19.14 27.11 -11.88
C SER D 169 -19.48 25.79 -11.20
N VAL D 170 -19.34 24.72 -11.96
CA VAL D 170 -19.53 23.41 -11.40
C VAL D 170 -18.46 22.56 -12.09
N GLY D 171 -17.80 21.74 -11.31
CA GLY D 171 -16.76 20.91 -11.95
C GLY D 171 -16.66 19.67 -11.10
N ARG D 172 -16.36 18.53 -11.74
CA ARG D 172 -16.06 17.36 -10.99
C ARG D 172 -14.88 16.67 -11.66
N ALA D 173 -14.24 15.80 -10.88
CA ALA D 173 -13.15 14.96 -11.40
C ALA D 173 -13.45 13.59 -10.80
N LEU D 174 -13.59 12.60 -11.67
CA LEU D 174 -13.82 11.25 -11.22
C LEU D 174 -12.60 10.50 -11.58
N PHE D 175 -12.23 9.62 -10.71
CA PHE D 175 -11.16 8.77 -11.11
C PHE D 175 -11.63 7.87 -12.23
N TYR D 176 -10.76 7.63 -13.18
CA TYR D 176 -11.17 6.98 -14.37
C TYR D 176 -11.73 5.60 -14.10
N ALA D 177 -11.08 4.83 -13.25
CA ALA D 177 -11.46 3.42 -13.10
C ALA D 177 -12.64 3.30 -12.20
N PRO D 178 -13.67 2.56 -12.62
CA PRO D 178 -14.75 2.21 -11.69
C PRO D 178 -14.10 1.45 -10.53
N VAL D 179 -14.70 1.60 -9.39
CA VAL D 179 -14.29 0.99 -8.20
C VAL D 179 -15.30 -0.02 -7.80
N HIS D 180 -14.85 -1.19 -7.42
CA HIS D 180 -15.81 -2.20 -7.11
C HIS D 180 -16.08 -2.15 -5.62
N ILE D 181 -17.29 -1.77 -5.18
CA ILE D 181 -17.44 -1.61 -3.73
C ILE D 181 -18.27 -2.64 -3.07
N TRP D 182 -18.80 -3.55 -3.85
CA TRP D 182 -19.48 -4.65 -3.17
C TRP D 182 -19.60 -5.73 -4.15
N GLU D 183 -19.89 -6.92 -3.67
CA GLU D 183 -20.36 -7.89 -4.60
C GLU D 183 -21.07 -8.95 -3.87
N SER D 184 -21.75 -9.80 -4.66
CA SER D 184 -22.58 -10.84 -4.08
C SER D 184 -21.86 -11.57 -2.96
N SER D 185 -20.62 -11.91 -3.14
CA SER D 185 -19.90 -12.69 -2.12
C SER D 185 -18.99 -11.85 -1.24
N ALA D 186 -19.23 -10.56 -1.17
CA ALA D 186 -18.25 -9.75 -0.51
C ALA D 186 -18.38 -9.96 0.97
N VAL D 187 -17.23 -9.97 1.62
CA VAL D 187 -17.21 -10.05 3.06
C VAL D 187 -17.04 -8.65 3.62
N VAL D 188 -16.10 -7.91 3.04
CA VAL D 188 -15.87 -6.61 3.54
C VAL D 188 -15.36 -5.73 2.43
N ALA D 189 -15.81 -4.49 2.43
CA ALA D 189 -15.38 -3.53 1.43
C ALA D 189 -15.00 -2.32 2.27
N SER D 190 -14.02 -1.57 1.82
CA SER D 190 -13.75 -0.35 2.55
C SER D 190 -13.16 0.63 1.55
N PHE D 191 -13.11 1.87 1.98
CA PHE D 191 -12.34 2.75 1.19
C PHE D 191 -11.98 3.89 2.13
N ASP D 192 -10.91 4.54 1.74
CA ASP D 192 -10.43 5.67 2.47
C ASP D 192 -10.02 6.66 1.43
N ALA D 193 -10.24 7.91 1.71
CA ALA D 193 -9.83 8.89 0.69
C ALA D 193 -9.30 10.05 1.45
N THR D 194 -8.37 10.71 0.87
CA THR D 194 -7.95 11.96 1.46
C THR D 194 -7.71 12.89 0.40
N PHE D 195 -8.00 14.14 0.67
CA PHE D 195 -7.57 15.11 -0.30
C PHE D 195 -7.21 16.34 0.45
N THR D 196 -6.43 17.15 -0.19
CA THR D 196 -6.13 18.46 0.31
C THR D 196 -6.68 19.48 -0.64
N PHE D 197 -7.10 20.58 -0.07
CA PHE D 197 -7.89 21.46 -0.85
C PHE D 197 -7.58 22.85 -0.39
N LEU D 198 -7.73 23.76 -1.32
CA LEU D 198 -7.49 25.14 -0.98
C LEU D 198 -8.64 25.93 -1.53
N ILE D 199 -9.35 26.51 -0.61
CA ILE D 199 -10.49 27.29 -0.87
C ILE D 199 -10.07 28.73 -0.62
N LYS D 200 -10.03 29.51 -1.68
CA LYS D 200 -9.71 30.93 -1.52
C LYS D 200 -10.89 31.63 -2.03
N SER D 201 -11.12 32.82 -1.52
CA SER D 201 -12.18 33.52 -2.09
C SER D 201 -12.05 35.03 -1.82
N PRO D 202 -12.45 35.85 -2.80
CA PRO D 202 -12.53 37.28 -2.54
C PRO D 202 -13.87 37.57 -1.89
N ASP D 203 -14.80 36.61 -1.91
CA ASP D 203 -16.11 36.87 -1.29
C ASP D 203 -16.07 36.73 0.18
N SER D 204 -16.73 37.64 0.89
CA SER D 204 -16.77 37.51 2.32
C SER D 204 -17.53 36.25 2.74
N GLU D 205 -18.50 35.83 1.94
CA GLU D 205 -19.14 34.55 2.24
C GLU D 205 -19.00 33.68 1.03
N PRO D 206 -17.95 32.86 1.06
CA PRO D 206 -17.64 32.07 -0.09
C PRO D 206 -18.70 31.01 -0.30
N ALA D 207 -18.73 30.45 -1.52
CA ALA D 207 -19.65 29.39 -1.82
C ALA D 207 -19.07 28.69 -3.01
N ASP D 208 -19.57 27.46 -3.32
CA ASP D 208 -20.58 26.78 -2.51
C ASP D 208 -20.00 25.65 -1.71
N GLY D 209 -19.07 24.96 -2.31
CA GLY D 209 -18.55 23.83 -1.57
C GLY D 209 -17.89 22.86 -2.52
N ILE D 210 -17.31 21.83 -1.89
CA ILE D 210 -16.43 20.85 -2.51
C ILE D 210 -16.97 19.55 -1.88
N THR D 211 -16.93 18.47 -2.68
CA THR D 211 -17.30 17.16 -2.12
C THR D 211 -16.36 16.10 -2.61
N PHE D 212 -16.23 15.06 -1.82
CA PHE D 212 -15.75 13.83 -2.37
C PHE D 212 -17.04 13.01 -2.50
N PHE D 213 -17.23 12.34 -3.63
CA PHE D 213 -18.47 11.65 -3.77
C PHE D 213 -18.23 10.32 -4.46
N ILE D 214 -19.17 9.46 -4.29
CA ILE D 214 -19.18 8.16 -4.90
C ILE D 214 -20.52 8.05 -5.57
N ALA D 215 -20.50 7.46 -6.73
CA ALA D 215 -21.65 7.54 -7.59
C ALA D 215 -21.67 6.32 -8.51
N ASN D 216 -22.82 6.06 -9.12
CA ASN D 216 -22.88 5.15 -10.25
C ASN D 216 -21.76 5.56 -11.22
N THR D 217 -21.18 4.60 -11.92
CA THR D 217 -20.00 4.87 -12.69
C THR D 217 -20.27 5.88 -13.77
N ASP D 218 -21.52 5.93 -14.26
CA ASP D 218 -21.77 6.81 -15.42
C ASP D 218 -22.30 8.16 -14.91
N THR D 219 -21.95 8.47 -13.66
CA THR D 219 -22.41 9.70 -13.04
C THR D 219 -21.99 10.89 -13.93
N SER D 220 -22.88 11.86 -14.02
CA SER D 220 -22.51 13.08 -14.68
C SER D 220 -23.11 14.22 -13.86
N ILE D 221 -22.66 15.44 -14.15
CA ILE D 221 -23.17 16.56 -13.37
C ILE D 221 -24.68 16.66 -13.72
N PRO D 222 -25.53 16.57 -12.73
CA PRO D 222 -26.96 16.72 -13.04
C PRO D 222 -27.29 18.08 -13.56
N SER D 223 -28.33 18.11 -14.38
CA SER D 223 -28.87 19.39 -14.79
C SER D 223 -29.24 20.14 -13.58
N GLY D 224 -28.87 21.40 -13.53
CA GLY D 224 -29.44 22.23 -12.46
C GLY D 224 -28.75 21.94 -11.13
N SER D 225 -27.64 21.20 -11.18
CA SER D 225 -26.95 20.92 -9.92
C SER D 225 -25.92 21.97 -9.55
N SER D 226 -26.03 23.20 -10.03
CA SER D 226 -24.92 24.10 -9.81
C SER D 226 -25.09 24.66 -8.38
N GLY D 227 -24.14 25.43 -7.95
CA GLY D 227 -24.28 26.15 -6.70
C GLY D 227 -24.52 25.28 -5.49
N ARG D 228 -25.62 25.55 -4.76
CA ARG D 228 -25.79 24.80 -3.51
C ARG D 228 -25.97 23.30 -3.72
N LEU D 229 -26.17 22.85 -4.94
CA LEU D 229 -26.34 21.41 -5.07
C LEU D 229 -25.01 20.73 -5.38
N LEU D 230 -23.93 21.50 -5.41
CA LEU D 230 -22.57 20.97 -5.34
C LEU D 230 -22.19 20.06 -6.48
N GLY D 231 -22.92 20.16 -7.59
CA GLY D 231 -22.61 19.47 -8.80
C GLY D 231 -23.02 18.03 -8.60
N LEU D 232 -23.82 17.76 -7.57
CA LEU D 232 -24.14 16.38 -7.31
C LEU D 232 -25.55 15.97 -7.51
N PHE D 233 -26.47 16.91 -7.34
CA PHE D 233 -27.85 16.49 -7.35
C PHE D 233 -28.61 17.42 -8.22
N PRO D 234 -29.66 16.92 -8.83
CA PRO D 234 -30.47 17.79 -9.66
C PRO D 234 -31.48 18.65 -8.89
N ASP D 235 -31.69 18.42 -7.61
CA ASP D 235 -32.65 19.25 -6.89
C ASP D 235 -32.21 19.12 -5.45
N ALA D 236 -32.97 19.71 -4.54
CA ALA D 236 -32.57 19.78 -3.17
C ALA D 236 -33.40 18.79 -2.41
N ASN D 237 -33.95 17.81 -3.11
CA ASN D 237 -34.84 16.84 -2.46
C ASN D 237 -34.05 16.13 -1.37
MN MN E . -16.09 -14.59 24.72
CA CA F . -14.91 -18.38 25.82
MN MN G . 31.89 8.17 0.08
CA CA H . 33.23 10.93 2.74
MN MN I . 8.90 -14.92 -28.00
CA CA J . 6.21 -17.44 -29.85
N ABA K . 0.52 7.85 -10.81
CA ABA K . -0.87 8.31 -11.08
C ABA K . -1.11 9.62 -11.86
O ABA K . -1.96 9.72 -12.77
CB ABA K . -1.80 8.21 -9.88
CG ABA K . -3.06 7.36 -10.22
MN MN L . -24.75 21.46 3.17
CA CA M . -24.52 24.94 1.03
N ABA N . -12.15 -1.69 -7.43
CA ABA N . -11.10 -2.44 -6.63
C ABA N . -10.47 -3.58 -7.49
O ABA N . -11.11 -3.99 -8.48
CB ABA N . -11.75 -3.03 -5.38
CG ABA N . -12.27 -1.94 -4.43
#